data_9DWF
#
_entry.id   9DWF
#
_cell.length_a   1.00
_cell.length_b   1.00
_cell.length_c   1.00
_cell.angle_alpha   90.00
_cell.angle_beta   90.00
_cell.angle_gamma   90.00
#
_symmetry.space_group_name_H-M   'P 1'
#
loop_
_entity.id
_entity.type
_entity.pdbx_description
1 polymer 'Histone H3.2'
2 polymer 'Histone H4'
3 polymer 'Histone H2A type 1'
4 polymer 'Histone H2B type 1-C/E/F/G/I'
5 polymer '601 I strand (damaged strand 1)'
6 polymer '601 J strand (non-damaged strand)'
7 polymer '601 K strand (damaged strand 2)'
#
loop_
_entity_poly.entity_id
_entity_poly.type
_entity_poly.pdbx_seq_one_letter_code
_entity_poly.pdbx_strand_id
1 'polypeptide(L)'
;ARTKQTARKSTGGKAPRKQLATKAARKSAPATGGVKKPHRYRPGTVALREIRRYQKSTELLIRKLPFQRLVREIAQDFKT
DLRFQSSAVMALQEASEAYLVGLFEDTNLAAIHAKRVTIMPKDIQLARRIRGERA
;
A,E
2 'polypeptide(L)'
;SGRGKGGKGLGKGGAKRHRKVLRDNIQGITKPAIRRLARRGGVKRISGLIYEETRGVLKVFLENVIRDAVTYTEHAKRKT
VTAMDVVYALKRQGRTLYGFGG
;
B,F
3 'polypeptide(L)'
;SGRGKQGGKARAKAKTRSSRAGLQFPVGRVHRLLRKGNYAERVGAGAPVYLAAVLEYLTAEILELAGNAARDNKKTRIIP
RHLQLAIRNDEELNKLLGKVTIAQGGVLPNIQAVLLPKKTESHHKAKGK
;
C,G
4 'polypeptide(L)'
;PEPAKSAPAPKKGSKKAVTKAQKKDGKKRKRSRKESYSVYVYKVLKQVHPDTGISSKAMGIMNSFVNDIFERIAGEASRL
AHYNKRSTITSREIQTAVRLLLPGELAKHAVSEGTKAVTKYTSSK
;
D,H
5 'polydeoxyribonucleotide'
;(DA)(DT)(DC)(DG)(DA)(DG)(DA)(DA)(DT)(DC)(DC)(DC)(DG)(DG)(DT)(DG)(DC)(DC)(DG)(DA)
(DG)(DG)(DC)(DC)(DG)(DC)(DT)(DC)(DA)(DA)(DT)(DT)(DG)(DG)(DT)(DC)(DG)(DT)(DA)(DG)
(DA)(DC)(DA)(DG)(DC)(DT)(DC)(DT)(DA)(DG)(DC)(DA)(DC)(DC)(DG)(DC)(DT)(DT)(DA)(DA)
(DA)(DC)(DG)(DC)(DA)(DC)(DG)(DT)(DA)(DC)(DG)(DC)(DG)(DC)(DT)(DG)(DT)(DC)(DC)(DC)
(DC)(DC)(DG)(DC)(DG)(DT)(DT)(DT)(DT)(DA)(DA)(DC)(DC)(DG)(DC)(DC)(DA)(DA)(DG)(DG)
(DG)(DG)(DA)(DT)(DT)(DA)(DC)(DT)(DC)(DC)(DC)(DT)(DA)(DG)(DT)(DC)(DT)
;
I
6 'polydeoxyribonucleotide'
;(DA)(DT)(DC)(DG)(DG)(DA)(DT)(DG)(DT)(DA)(DT)(DA)(DT)(DA)(DT)(DC)(DT)(DG)(DA)(DC)
(DA)(DC)(DG)(DT)(DG)(DC)(DC)(DT)(DG)(DG)(DA)(DG)(DA)(DC)(DT)(DA)(DG)(DG)(DG)(DA)
(DG)(DT)(DA)(DA)(DT)(DC)(DC)(DC)(DC)(DT)(DT)(DG)(DG)(DC)(DG)(DG)(DT)(DT)(DA)(DA)
(DA)(DA)(DC)(DG)(DC)(DG)(DG)(DG)(DG)(DG)(DA)(DC)(DA)(DG)(DC)(DG)(DC)(DG)(DT)(DA)
(DC)(DG)(DT)(DG)(DC)(DG)(DT)(DT)(DT)(DA)(DA)(DG)(DC)(DG)(DG)(DT)(DG)(DC)(DT)(DA)
(DG)(DA)(DG)(DC)(DT)(DG)(DT)(DC)(DT)(DA)(DC)(DG)(DA)(DC)(DC)(DA)(DA)(DT)(DT)(DG)
(DA)(DG)(DC)(DG)(DG)(DC)(DC)(DT)(DC)(DG)(DG)(DC)(DA)(DC)(DC)(DG)(DG)(DG)(DA)(DT)
(DT)(DC)(DT)(DC)(DG)(DA)(DT)
;
J
7 'polydeoxyribonucleotide'
;(DC)(DA)(DG)(DG)(DC)(DA)(DC)(DG)(DT)(DG)(DT)(DC)(DA)(DG)(DA)(DT)(DA)(DT)(DA)(DT)
(DA)(DC)(DA)(DT)(DC)(DC)(DG)(DA)(DT)
;
K
#
loop_
_chem_comp.id
_chem_comp.type
_chem_comp.name
_chem_comp.formula
DA DNA linking 2'-DEOXYADENOSINE-5'-MONOPHOSPHATE 'C10 H14 N5 O6 P'
DC DNA linking 2'-DEOXYCYTIDINE-5'-MONOPHOSPHATE 'C9 H14 N3 O7 P'
DG DNA linking 2'-DEOXYGUANOSINE-5'-MONOPHOSPHATE 'C10 H14 N5 O7 P'
DT DNA linking THYMIDINE-5'-MONOPHOSPHATE 'C10 H15 N2 O8 P'
#
# COMPACT_ATOMS: atom_id res chain seq x y z
N PRO A 38 -24.40 50.44 -7.41
CA PRO A 38 -23.60 49.57 -6.53
C PRO A 38 -22.33 49.08 -7.21
N HIS A 39 -21.56 48.24 -6.53
CA HIS A 39 -20.35 47.67 -7.08
C HIS A 39 -20.41 46.16 -6.98
N ARG A 40 -19.85 45.48 -7.99
CA ARG A 40 -19.91 44.03 -8.10
C ARG A 40 -18.51 43.53 -8.41
N TYR A 41 -18.01 42.61 -7.60
CA TYR A 41 -16.70 42.03 -7.84
C TYR A 41 -16.70 41.24 -9.16
N ARG A 42 -15.57 41.30 -9.85
CA ARG A 42 -15.42 40.54 -11.07
C ARG A 42 -15.47 39.04 -10.78
N PRO A 43 -16.04 38.23 -11.66
CA PRO A 43 -16.09 36.78 -11.43
C PRO A 43 -14.70 36.19 -11.24
N GLY A 44 -14.55 35.36 -10.21
CA GLY A 44 -13.32 34.66 -9.92
C GLY A 44 -12.50 35.27 -8.81
N THR A 45 -12.65 36.57 -8.54
CA THR A 45 -11.84 37.20 -7.50
C THR A 45 -12.26 36.73 -6.12
N VAL A 46 -13.55 36.75 -5.81
CA VAL A 46 -14.01 36.16 -4.56
C VAL A 46 -13.82 34.65 -4.60
N ALA A 47 -13.91 34.04 -5.78
CA ALA A 47 -13.61 32.62 -5.92
C ALA A 47 -12.13 32.34 -5.68
N LEU A 48 -11.25 33.26 -6.09
CA LEU A 48 -9.84 33.12 -5.72
C LEU A 48 -9.65 33.33 -4.23
N ARG A 49 -10.47 34.17 -3.62
CA ARG A 49 -10.56 34.17 -2.17
C ARG A 49 -11.31 32.92 -1.70
N GLU A 50 -11.25 32.70 -0.40
CA GLU A 50 -11.76 31.54 0.33
C GLU A 50 -10.92 30.30 0.02
N ILE A 51 -10.19 30.30 -1.09
CA ILE A 51 -9.07 29.36 -1.23
C ILE A 51 -7.98 29.74 -0.25
N ARG A 52 -7.67 31.04 -0.20
CA ARG A 52 -6.71 31.60 0.73
C ARG A 52 -7.21 31.56 2.15
N ARG A 53 -8.52 31.40 2.35
CA ARG A 53 -9.08 31.25 3.69
C ARG A 53 -9.00 29.81 4.17
N TYR A 54 -9.57 28.88 3.40
CA TYR A 54 -9.65 27.49 3.82
C TYR A 54 -8.33 26.74 3.66
N GLN A 55 -7.37 27.29 2.91
CA GLN A 55 -6.03 26.72 2.93
C GLN A 55 -5.23 27.20 4.14
N LYS A 56 -5.62 28.32 4.75
CA LYS A 56 -5.05 28.76 6.01
C LYS A 56 -5.88 28.35 7.22
N SER A 57 -7.19 28.14 7.02
CA SER A 57 -8.05 27.70 8.11
C SER A 57 -7.88 26.21 8.35
N THR A 58 -8.23 25.78 9.56
CA THR A 58 -8.09 24.38 9.94
C THR A 58 -9.40 23.88 10.56
N GLU A 59 -10.53 24.40 10.06
CA GLU A 59 -11.83 23.95 10.54
C GLU A 59 -12.26 22.71 9.78
N LEU A 60 -13.50 22.27 10.02
CA LEU A 60 -13.98 21.04 9.41
C LEU A 60 -14.71 21.28 8.10
N LEU A 61 -15.42 22.41 7.97
CA LEU A 61 -16.08 22.84 6.73
C LEU A 61 -17.32 22.02 6.42
N ILE A 62 -17.60 20.99 7.21
CA ILE A 62 -18.81 20.18 7.07
C ILE A 62 -19.57 20.22 8.40
N ARG A 63 -20.88 20.37 8.31
CA ARG A 63 -21.72 20.35 9.50
C ARG A 63 -21.64 18.98 10.17
N LYS A 64 -21.53 18.99 11.51
CA LYS A 64 -21.24 17.75 12.23
C LYS A 64 -22.45 16.83 12.34
N LEU A 65 -23.63 17.38 12.67
CA LEU A 65 -24.81 16.54 12.84
C LEU A 65 -25.26 15.86 11.55
N PRO A 66 -25.33 16.53 10.39
CA PRO A 66 -25.63 15.79 9.15
C PRO A 66 -24.64 14.68 8.86
N PHE A 67 -23.36 14.90 9.13
CA PHE A 67 -22.37 13.85 8.93
C PHE A 67 -22.60 12.68 9.89
N GLN A 68 -22.95 12.98 11.13
CA GLN A 68 -23.26 11.93 12.10
C GLN A 68 -24.45 11.11 11.65
N ARG A 69 -25.51 11.78 11.17
CA ARG A 69 -26.68 11.07 10.68
C ARG A 69 -26.34 10.20 9.48
N LEU A 70 -25.51 10.72 8.57
CA LEU A 70 -25.10 9.94 7.40
C LEU A 70 -24.31 8.70 7.82
N VAL A 71 -23.41 8.86 8.80
CA VAL A 71 -22.63 7.73 9.29
C VAL A 71 -23.54 6.68 9.90
N ARG A 72 -24.52 7.11 10.70
CA ARG A 72 -25.44 6.15 11.32
C ARG A 72 -26.28 5.43 10.26
N GLU A 73 -26.75 6.18 9.25
CA GLU A 73 -27.53 5.56 8.18
C GLU A 73 -26.71 4.53 7.41
N ILE A 74 -25.45 4.85 7.13
CA ILE A 74 -24.59 3.89 6.43
C ILE A 74 -24.33 2.67 7.31
N ALA A 75 -24.07 2.89 8.59
CA ALA A 75 -23.67 1.81 9.49
C ALA A 75 -24.82 0.88 9.85
N GLN A 76 -26.08 1.34 9.78
CA GLN A 76 -27.17 0.46 10.18
C GLN A 76 -27.35 -0.71 9.22
N ASP A 77 -26.85 -0.57 7.99
CA ASP A 77 -26.93 -1.67 7.02
C ASP A 77 -26.11 -2.88 7.47
N PHE A 78 -25.02 -2.65 8.18
CA PHE A 78 -24.14 -3.74 8.60
C PHE A 78 -24.57 -4.35 9.94
N LYS A 79 -25.01 -3.54 10.88
CA LYS A 79 -25.47 -4.03 12.17
C LYS A 79 -26.47 -3.05 12.75
N THR A 80 -27.63 -3.56 13.17
CA THR A 80 -28.64 -2.71 13.75
C THR A 80 -28.36 -2.45 15.23
N ASP A 81 -28.99 -1.39 15.75
CA ASP A 81 -28.85 -0.99 17.15
C ASP A 81 -27.40 -0.80 17.55
N LEU A 82 -26.62 -0.18 16.66
CA LEU A 82 -25.19 0.01 16.85
C LEU A 82 -24.92 1.39 17.43
N ARG A 83 -24.07 1.45 18.45
CA ARG A 83 -23.75 2.69 19.14
C ARG A 83 -22.40 3.20 18.67
N PHE A 84 -22.28 4.53 18.61
CA PHE A 84 -21.07 5.18 18.12
C PHE A 84 -20.46 6.06 19.21
N GLN A 85 -19.13 6.06 19.27
CA GLN A 85 -18.40 6.99 20.11
C GLN A 85 -18.25 8.31 19.37
N SER A 86 -18.21 9.40 20.14
CA SER A 86 -18.05 10.72 19.52
C SER A 86 -16.70 10.84 18.83
N SER A 87 -15.64 10.32 19.45
CA SER A 87 -14.32 10.31 18.83
C SER A 87 -14.32 9.52 17.54
N ALA A 88 -15.11 8.45 17.46
CA ALA A 88 -15.19 7.67 16.23
C ALA A 88 -15.77 8.50 15.09
N VAL A 89 -16.85 9.22 15.36
CA VAL A 89 -17.46 10.07 14.34
C VAL A 89 -16.51 11.19 13.94
N MET A 90 -15.78 11.75 14.91
CA MET A 90 -14.83 12.81 14.60
C MET A 90 -13.69 12.29 13.72
N ALA A 91 -13.17 11.09 14.03
CA ALA A 91 -12.12 10.50 13.21
C ALA A 91 -12.61 10.21 11.80
N LEU A 92 -13.84 9.69 11.69
CA LEU A 92 -14.42 9.46 10.36
C LEU A 92 -14.55 10.76 9.59
N GLN A 93 -14.95 11.84 10.27
CA GLN A 93 -15.09 13.14 9.61
C GLN A 93 -13.75 13.64 9.10
N GLU A 94 -12.71 13.60 9.95
CA GLU A 94 -11.39 14.04 9.51
C GLU A 94 -10.88 13.24 8.33
N ALA A 95 -11.00 11.91 8.40
CA ALA A 95 -10.51 11.07 7.31
C ALA A 95 -11.27 11.32 6.02
N SER A 96 -12.61 11.41 6.10
CA SER A 96 -13.41 11.66 4.90
C SER A 96 -13.07 12.99 4.27
N GLU A 97 -12.96 14.04 5.09
CA GLU A 97 -12.64 15.36 4.57
C GLU A 97 -11.26 15.41 3.94
N ALA A 98 -10.27 14.78 4.58
CA ALA A 98 -8.94 14.74 4.00
C ALA A 98 -8.94 14.00 2.67
N TYR A 99 -9.65 12.88 2.59
CA TYR A 99 -9.76 12.14 1.33
C TYR A 99 -10.40 12.99 0.25
N LEU A 100 -11.47 13.70 0.59
CA LEU A 100 -12.15 14.54 -0.38
C LEU A 100 -11.27 15.70 -0.84
N VAL A 101 -10.50 16.28 0.08
CA VAL A 101 -9.60 17.37 -0.29
C VAL A 101 -8.52 16.88 -1.26
N GLY A 102 -7.92 15.72 -0.96
CA GLY A 102 -6.92 15.18 -1.88
C GLY A 102 -7.51 14.85 -3.24
N LEU A 103 -8.71 14.28 -3.26
CA LEU A 103 -9.37 13.99 -4.52
C LEU A 103 -9.65 15.26 -5.31
N PHE A 104 -10.01 16.35 -4.60
CA PHE A 104 -10.25 17.60 -5.30
C PHE A 104 -8.96 18.23 -5.83
N GLU A 105 -7.84 18.06 -5.15
CA GLU A 105 -6.57 18.52 -5.71
C GLU A 105 -6.22 17.75 -6.98
N ASP A 106 -6.40 16.42 -6.95
CA ASP A 106 -6.15 15.63 -8.16
C ASP A 106 -7.11 16.02 -9.28
N THR A 107 -8.38 16.29 -8.94
CA THR A 107 -9.36 16.75 -9.91
C THR A 107 -8.96 18.07 -10.53
N ASN A 108 -8.45 19.00 -9.70
CA ASN A 108 -7.98 20.28 -10.21
C ASN A 108 -6.82 20.09 -11.18
N LEU A 109 -5.87 19.22 -10.83
CA LEU A 109 -4.76 18.93 -11.75
C LEU A 109 -5.27 18.37 -13.06
N ALA A 110 -6.22 17.43 -13.01
CA ALA A 110 -6.77 16.85 -14.22
C ALA A 110 -7.50 17.89 -15.06
N ALA A 111 -8.24 18.79 -14.41
CA ALA A 111 -8.97 19.83 -15.13
C ALA A 111 -8.03 20.81 -15.81
N ILE A 112 -6.97 21.22 -15.12
CA ILE A 112 -5.96 22.09 -15.72
C ILE A 112 -5.26 21.38 -16.88
N HIS A 113 -5.06 20.07 -16.77
CA HIS A 113 -4.39 19.32 -17.82
C HIS A 113 -5.15 19.40 -19.13
N ALA A 114 -6.48 19.44 -19.08
CA ALA A 114 -7.32 19.53 -20.26
C ALA A 114 -7.56 20.97 -20.71
N LYS A 115 -6.70 21.90 -20.29
CA LYS A 115 -6.81 23.32 -20.64
C LYS A 115 -8.17 23.89 -20.21
N ARG A 116 -8.56 23.62 -18.97
CA ARG A 116 -9.82 24.08 -18.43
C ARG A 116 -9.60 24.66 -17.04
N VAL A 117 -10.56 25.46 -16.59
CA VAL A 117 -10.51 26.04 -15.24
C VAL A 117 -11.66 25.48 -14.43
N THR A 118 -12.77 25.16 -15.09
CA THR A 118 -13.90 24.53 -14.43
C THR A 118 -13.65 23.04 -14.29
N ILE A 119 -14.10 22.47 -13.17
CA ILE A 119 -13.94 21.04 -12.89
C ILE A 119 -15.24 20.33 -13.20
N MET A 120 -15.15 19.24 -13.93
CA MET A 120 -16.27 18.42 -14.35
C MET A 120 -16.15 17.02 -13.76
N PRO A 121 -17.25 16.28 -13.64
CA PRO A 121 -17.16 14.93 -13.07
C PRO A 121 -16.27 13.98 -13.86
N LYS A 122 -16.03 14.25 -15.15
CA LYS A 122 -15.07 13.45 -15.90
C LYS A 122 -13.67 13.56 -15.29
N ASP A 123 -13.35 14.70 -14.69
CA ASP A 123 -12.04 14.87 -14.05
C ASP A 123 -11.96 14.04 -12.78
N ILE A 124 -13.05 13.97 -12.02
CA ILE A 124 -13.09 13.11 -10.84
C ILE A 124 -12.93 11.65 -11.23
N GLN A 125 -13.63 11.24 -12.30
CA GLN A 125 -13.53 9.86 -12.74
C GLN A 125 -12.12 9.53 -13.24
N LEU A 126 -11.50 10.46 -13.96
CA LEU A 126 -10.13 10.23 -14.40
C LEU A 126 -9.16 10.12 -13.23
N ALA A 127 -9.30 11.01 -12.25
CA ALA A 127 -8.42 10.96 -11.09
C ALA A 127 -8.60 9.66 -10.31
N ARG A 128 -9.85 9.23 -10.11
CA ARG A 128 -10.10 7.99 -9.37
C ARG A 128 -9.60 6.78 -10.15
N ARG A 129 -9.74 6.80 -11.48
CA ARG A 129 -9.25 5.70 -12.30
C ARG A 129 -7.73 5.60 -12.24
N ILE A 130 -7.04 6.73 -12.33
CA ILE A 130 -5.58 6.71 -12.28
C ILE A 130 -5.09 6.31 -10.89
N ARG A 131 -5.79 6.76 -9.84
CA ARG A 131 -5.38 6.46 -8.47
C ARG A 131 -5.61 5.00 -8.09
N GLY A 132 -6.35 4.24 -8.89
CA GLY A 132 -6.59 2.84 -8.60
C GLY A 132 -7.88 2.54 -7.88
N GLU A 133 -8.68 3.56 -7.56
CA GLU A 133 -9.95 3.31 -6.89
C GLU A 133 -10.97 2.68 -7.81
N ARG A 134 -10.85 2.90 -9.12
CA ARG A 134 -11.77 2.30 -10.09
C ARG A 134 -11.15 1.05 -10.71
N LEU B 22 -33.59 6.64 9.68
CA LEU B 22 -32.39 7.09 8.99
C LEU B 22 -32.56 6.97 7.48
N ARG B 23 -33.03 8.04 6.85
CA ARG B 23 -33.30 8.07 5.43
C ARG B 23 -32.66 9.30 4.80
N ASP B 24 -32.26 9.17 3.53
CA ASP B 24 -31.76 10.32 2.71
C ASP B 24 -30.94 11.34 3.49
N ASN B 25 -29.98 10.90 4.29
CA ASN B 25 -29.09 11.86 4.93
C ASN B 25 -27.83 12.14 4.12
N ILE B 26 -27.70 11.54 2.94
CA ILE B 26 -26.57 11.86 2.07
C ILE B 26 -26.72 13.28 1.54
N GLN B 27 -27.95 13.79 1.43
CA GLN B 27 -28.17 15.17 1.04
C GLN B 27 -27.81 16.14 2.15
N GLY B 28 -27.57 15.64 3.37
CA GLY B 28 -27.07 16.46 4.46
C GLY B 28 -25.74 17.10 4.16
N ILE B 29 -24.99 16.51 3.23
CA ILE B 29 -23.76 17.11 2.74
C ILE B 29 -24.15 18.15 1.70
N THR B 30 -24.34 19.38 2.14
CA THR B 30 -24.92 20.41 1.29
C THR B 30 -23.95 20.84 0.20
N LYS B 31 -24.49 21.56 -0.78
CA LYS B 31 -23.66 22.13 -1.84
C LYS B 31 -22.57 23.07 -1.31
N PRO B 32 -22.86 24.05 -0.42
CA PRO B 32 -21.77 24.91 0.07
C PRO B 32 -20.66 24.18 0.79
N ALA B 33 -20.97 23.05 1.45
CA ALA B 33 -19.90 22.26 2.06
C ALA B 33 -18.96 21.70 1.00
N ILE B 34 -19.52 21.21 -0.10
CA ILE B 34 -18.69 20.69 -1.19
C ILE B 34 -17.88 21.81 -1.83
N ARG B 35 -18.48 22.99 -1.98
CA ARG B 35 -17.75 24.13 -2.50
C ARG B 35 -16.60 24.51 -1.58
N ARG B 36 -16.84 24.50 -0.27
CA ARG B 36 -15.78 24.81 0.70
C ARG B 36 -14.65 23.79 0.62
N LEU B 37 -14.99 22.52 0.49
CA LEU B 37 -13.96 21.48 0.35
C LEU B 37 -13.16 21.68 -0.94
N ALA B 38 -13.83 22.03 -2.03
CA ALA B 38 -13.13 22.28 -3.28
C ALA B 38 -12.22 23.50 -3.17
N ARG B 39 -12.68 24.54 -2.48
CA ARG B 39 -11.86 25.72 -2.28
C ARG B 39 -10.61 25.40 -1.47
N ARG B 40 -10.77 24.58 -0.42
CA ARG B 40 -9.59 24.11 0.31
C ARG B 40 -8.69 23.27 -0.59
N GLY B 41 -9.28 22.55 -1.54
CA GLY B 41 -8.51 21.84 -2.54
C GLY B 41 -7.93 22.70 -3.64
N GLY B 42 -8.23 23.99 -3.65
CA GLY B 42 -7.65 24.90 -4.62
C GLY B 42 -8.38 24.97 -5.95
N VAL B 43 -9.70 24.82 -5.91
CA VAL B 43 -10.53 24.80 -7.12
C VAL B 43 -11.22 26.14 -7.27
N LYS B 44 -11.19 26.70 -8.48
CA LYS B 44 -11.75 28.02 -8.75
C LYS B 44 -13.20 27.95 -9.22
N ARG B 45 -13.50 27.08 -10.19
CA ARG B 45 -14.83 26.97 -10.76
C ARG B 45 -15.33 25.54 -10.64
N ILE B 46 -16.63 25.39 -10.42
CA ILE B 46 -17.24 24.10 -10.13
C ILE B 46 -18.47 23.93 -11.03
N SER B 47 -18.60 22.75 -11.63
CA SER B 47 -19.77 22.42 -12.44
C SER B 47 -20.86 21.82 -11.56
N GLY B 48 -22.08 21.76 -12.11
CA GLY B 48 -23.23 21.37 -11.34
C GLY B 48 -23.28 19.89 -10.96
N LEU B 49 -22.59 19.04 -11.71
CA LEU B 49 -22.62 17.61 -11.46
C LEU B 49 -21.60 17.16 -10.42
N ILE B 50 -20.71 18.07 -10.01
CA ILE B 50 -19.74 17.76 -8.96
C ILE B 50 -20.44 17.54 -7.64
N TYR B 51 -21.51 18.29 -7.39
CA TYR B 51 -22.23 18.20 -6.12
C TYR B 51 -22.93 16.86 -5.93
N GLU B 52 -23.05 16.05 -6.97
CA GLU B 52 -23.54 14.69 -6.87
C GLU B 52 -22.44 13.64 -6.98
N GLU B 53 -21.45 13.89 -7.84
CA GLU B 53 -20.31 12.97 -7.95
C GLU B 53 -19.56 12.88 -6.62
N THR B 54 -19.40 14.02 -5.95
CA THR B 54 -18.72 14.04 -4.65
C THR B 54 -19.51 13.28 -3.60
N ARG B 55 -20.84 13.42 -3.60
CA ARG B 55 -21.66 12.66 -2.66
C ARG B 55 -21.53 11.17 -2.92
N GLY B 56 -21.52 10.77 -4.18
CA GLY B 56 -21.37 9.35 -4.50
C GLY B 56 -20.05 8.78 -4.01
N VAL B 57 -18.95 9.49 -4.30
CA VAL B 57 -17.64 8.98 -3.92
C VAL B 57 -17.48 8.99 -2.40
N LEU B 58 -18.03 10.01 -1.73
CA LEU B 58 -17.99 10.05 -0.28
C LEU B 58 -18.78 8.90 0.33
N LYS B 59 -19.94 8.58 -0.24
CA LYS B 59 -20.73 7.45 0.23
C LYS B 59 -19.96 6.14 0.07
N VAL B 60 -19.30 5.97 -1.08
CA VAL B 60 -18.52 4.75 -1.31
C VAL B 60 -17.40 4.63 -0.27
N PHE B 61 -16.66 5.73 -0.06
CA PHE B 61 -15.56 5.70 0.90
C PHE B 61 -16.06 5.41 2.31
N LEU B 62 -17.17 6.05 2.71
CA LEU B 62 -17.71 5.84 4.05
C LEU B 62 -18.18 4.41 4.24
N GLU B 63 -18.83 3.83 3.23
CA GLU B 63 -19.24 2.42 3.33
C GLU B 63 -18.02 1.52 3.48
N ASN B 64 -16.97 1.78 2.69
CA ASN B 64 -15.77 0.95 2.74
C ASN B 64 -15.10 1.01 4.10
N VAL B 65 -15.02 2.19 4.70
CA VAL B 65 -14.38 2.32 6.01
C VAL B 65 -15.25 1.73 7.11
N ILE B 66 -16.56 2.05 7.10
CA ILE B 66 -17.45 1.64 8.18
C ILE B 66 -17.66 0.13 8.18
N ARG B 67 -17.60 -0.52 7.01
CA ARG B 67 -17.71 -1.98 7.00
C ARG B 67 -16.61 -2.62 7.83
N ASP B 68 -15.36 -2.20 7.63
CA ASP B 68 -14.25 -2.74 8.40
C ASP B 68 -14.33 -2.33 9.86
N ALA B 69 -14.76 -1.10 10.14
CA ALA B 69 -14.90 -0.66 11.53
C ALA B 69 -15.91 -1.53 12.29
N VAL B 70 -17.05 -1.79 11.66
CA VAL B 70 -18.07 -2.64 12.27
C VAL B 70 -17.58 -4.07 12.39
N THR B 71 -16.78 -4.54 11.42
CA THR B 71 -16.21 -5.88 11.52
C THR B 71 -15.31 -6.00 12.75
N TYR B 72 -14.44 -5.01 12.96
CA TYR B 72 -13.59 -4.99 14.15
C TYR B 72 -14.43 -4.94 15.42
N THR B 73 -15.46 -4.09 15.44
CA THR B 73 -16.30 -3.96 16.62
C THR B 73 -17.00 -5.28 16.94
N GLU B 74 -17.51 -5.96 15.92
CA GLU B 74 -18.21 -7.23 16.14
C GLU B 74 -17.24 -8.31 16.60
N HIS B 75 -16.01 -8.31 16.07
CA HIS B 75 -15.02 -9.27 16.54
C HIS B 75 -14.67 -9.03 18.01
N ALA B 76 -14.63 -7.76 18.41
CA ALA B 76 -14.31 -7.42 19.80
C ALA B 76 -15.45 -7.69 20.76
N LYS B 77 -16.54 -8.32 20.31
CA LYS B 77 -17.72 -8.61 21.14
C LYS B 77 -18.26 -7.33 21.78
N ARG B 78 -18.34 -6.26 21.00
CA ARG B 78 -18.80 -4.97 21.48
C ARG B 78 -19.96 -4.47 20.64
N LYS B 79 -20.76 -3.58 21.22
CA LYS B 79 -21.87 -2.95 20.52
C LYS B 79 -21.62 -1.46 20.28
N THR B 80 -20.44 -0.97 20.65
CA THR B 80 -20.07 0.43 20.48
C THR B 80 -18.86 0.52 19.58
N VAL B 81 -18.94 1.33 18.53
CA VAL B 81 -17.84 1.49 17.58
C VAL B 81 -16.88 2.51 18.17
N THR B 82 -15.77 2.03 18.73
CA THR B 82 -14.78 2.91 19.29
C THR B 82 -13.96 3.60 18.20
N ALA B 83 -13.29 4.68 18.59
CA ALA B 83 -12.44 5.40 17.64
C ALA B 83 -11.24 4.56 17.23
N MET B 84 -10.80 3.65 18.09
CA MET B 84 -9.68 2.79 17.73
C MET B 84 -10.04 1.84 16.59
N ASP B 85 -11.29 1.40 16.52
CA ASP B 85 -11.74 0.60 15.39
C ASP B 85 -11.65 1.38 14.09
N VAL B 86 -12.06 2.66 14.12
CA VAL B 86 -11.96 3.51 12.94
C VAL B 86 -10.50 3.71 12.56
N VAL B 87 -9.63 3.90 13.55
CA VAL B 87 -8.21 4.08 13.29
C VAL B 87 -7.62 2.83 12.64
N TYR B 88 -7.96 1.66 13.16
CA TYR B 88 -7.49 0.40 12.57
C TYR B 88 -8.01 0.21 11.15
N ALA B 89 -9.29 0.52 10.93
CA ALA B 89 -9.87 0.36 9.61
C ALA B 89 -9.22 1.30 8.60
N LEU B 90 -8.93 2.53 9.00
CA LEU B 90 -8.24 3.46 8.12
C LEU B 90 -6.81 3.02 7.86
N LYS B 91 -6.11 2.54 8.90
CA LYS B 91 -4.75 2.05 8.73
C LYS B 91 -4.69 0.82 7.82
N ARG B 92 -5.79 0.06 7.75
CA ARG B 92 -5.86 -1.07 6.84
C ARG B 92 -5.96 -0.65 5.38
N GLN B 93 -6.57 0.50 5.10
CA GLN B 93 -6.78 0.98 3.74
C GLN B 93 -5.63 1.85 3.26
N GLY B 94 -4.56 1.97 4.04
CA GLY B 94 -3.44 2.79 3.68
C GLY B 94 -3.53 4.23 4.13
N ARG B 95 -4.66 4.64 4.71
CA ARG B 95 -4.85 6.02 5.16
C ARG B 95 -4.65 6.06 6.68
N THR B 96 -3.38 6.06 7.08
CA THR B 96 -3.05 6.17 8.49
C THR B 96 -3.45 7.55 9.02
N LEU B 97 -4.04 7.57 10.22
CA LEU B 97 -4.55 8.79 10.81
C LEU B 97 -3.92 9.01 12.18
N TYR B 98 -3.41 10.22 12.40
CA TYR B 98 -2.77 10.59 13.66
C TYR B 98 -3.69 11.49 14.46
N GLY B 99 -3.79 11.22 15.76
CA GLY B 99 -4.51 12.11 16.64
C GLY B 99 -5.56 11.45 17.52
N PHE B 100 -5.95 10.23 17.17
CA PHE B 100 -7.02 9.54 17.89
C PHE B 100 -6.56 8.25 18.54
N GLY B 101 -5.27 7.95 18.54
CA GLY B 101 -4.77 6.73 19.15
C GLY B 101 -3.72 6.02 18.30
N ARG C 11 -2.23 -48.61 20.36
CA ARG C 11 -2.44 -47.33 19.72
C ARG C 11 -3.67 -47.40 18.81
N ALA C 12 -3.63 -46.71 17.67
CA ALA C 12 -4.72 -46.69 16.72
C ALA C 12 -4.16 -46.31 15.36
N LYS C 13 -4.94 -46.62 14.32
CA LYS C 13 -4.53 -46.25 12.97
C LYS C 13 -4.46 -44.74 12.82
N ALA C 14 -3.37 -44.26 12.22
CA ALA C 14 -3.17 -42.83 12.04
C ALA C 14 -4.01 -42.35 10.86
N LYS C 15 -4.89 -41.40 11.12
CA LYS C 15 -5.74 -40.80 10.09
C LYS C 15 -5.52 -39.30 10.14
N THR C 16 -5.03 -38.73 9.02
CA THR C 16 -4.51 -37.37 9.02
C THR C 16 -5.61 -36.35 9.28
N ARG C 17 -5.22 -35.23 9.89
CA ARG C 17 -6.17 -34.19 10.27
C ARG C 17 -6.87 -33.60 9.05
N SER C 18 -6.18 -33.55 7.90
CA SER C 18 -6.81 -33.06 6.68
C SER C 18 -7.92 -33.98 6.22
N SER C 19 -7.79 -35.29 6.50
CA SER C 19 -8.84 -36.24 6.16
C SER C 19 -10.02 -36.18 7.13
N ARG C 20 -9.77 -35.83 8.39
CA ARG C 20 -10.87 -35.69 9.35
C ARG C 20 -11.77 -34.51 9.03
N ALA C 21 -11.26 -33.52 8.30
CA ALA C 21 -12.00 -32.33 7.93
C ALA C 21 -12.50 -32.36 6.49
N GLY C 22 -12.10 -33.37 5.71
CA GLY C 22 -12.51 -33.47 4.33
C GLY C 22 -11.74 -32.58 3.37
N LEU C 23 -10.68 -31.93 3.82
CA LEU C 23 -9.94 -31.01 2.99
C LEU C 23 -8.83 -31.73 2.23
N GLN C 24 -8.30 -31.04 1.22
CA GLN C 24 -7.15 -31.52 0.46
C GLN C 24 -5.85 -30.82 0.84
N PHE C 25 -5.92 -29.54 1.21
CA PHE C 25 -4.74 -28.84 1.68
C PHE C 25 -4.33 -29.39 3.05
N PRO C 26 -3.04 -29.37 3.37
CA PRO C 26 -2.60 -29.95 4.65
C PRO C 26 -3.05 -29.10 5.83
N VAL C 27 -3.31 -29.78 6.94
CA VAL C 27 -3.62 -29.13 8.20
C VAL C 27 -2.40 -29.09 9.13
N GLY C 28 -1.65 -30.19 9.18
CA GLY C 28 -0.45 -30.20 9.99
C GLY C 28 0.60 -29.21 9.52
N ARG C 29 0.77 -29.09 8.20
CA ARG C 29 1.73 -28.13 7.66
C ARG C 29 1.33 -26.70 7.99
N VAL C 30 0.05 -26.38 7.82
CA VAL C 30 -0.44 -25.05 8.16
C VAL C 30 -0.27 -24.77 9.64
N HIS C 31 -0.56 -25.76 10.49
CA HIS C 31 -0.38 -25.59 11.93
C HIS C 31 1.08 -25.34 12.27
N ARG C 32 1.99 -26.09 11.65
CA ARG C 32 3.42 -25.89 11.90
C ARG C 32 3.88 -24.51 11.45
N LEU C 33 3.40 -24.05 10.28
CA LEU C 33 3.80 -22.74 9.79
C LEU C 33 3.26 -21.63 10.67
N LEU C 34 2.02 -21.79 11.17
CA LEU C 34 1.48 -20.82 12.10
C LEU C 34 2.26 -20.81 13.41
N ARG C 35 2.64 -21.97 13.91
CA ARG C 35 3.37 -22.03 15.18
C ARG C 35 4.78 -21.46 15.03
N LYS C 36 5.42 -21.68 13.89
CA LYS C 36 6.79 -21.24 13.66
C LYS C 36 6.86 -19.97 12.82
N GLY C 37 5.78 -19.18 12.79
CA GLY C 37 5.76 -17.96 12.03
C GLY C 37 5.77 -16.73 12.91
N ASN C 38 5.79 -16.95 14.23
CA ASN C 38 5.81 -15.87 15.23
C ASN C 38 4.60 -14.95 15.08
N TYR C 39 3.43 -15.54 14.85
CA TYR C 39 2.19 -14.76 14.75
C TYR C 39 1.55 -14.53 16.10
N ALA C 40 1.59 -15.53 16.98
CA ALA C 40 1.04 -15.40 18.32
C ALA C 40 1.71 -16.44 19.22
N GLU C 41 1.54 -16.25 20.52
CA GLU C 41 2.12 -17.19 21.49
C GLU C 41 1.53 -18.57 21.35
N ARG C 42 0.21 -18.67 21.16
CA ARG C 42 -0.47 -19.94 21.05
C ARG C 42 -1.35 -19.96 19.81
N VAL C 43 -1.59 -21.17 19.30
CA VAL C 43 -2.41 -21.39 18.12
C VAL C 43 -3.49 -22.40 18.45
N GLY C 44 -4.74 -22.05 18.17
CA GLY C 44 -5.85 -22.93 18.46
C GLY C 44 -5.90 -24.13 17.53
N ALA C 45 -6.76 -25.08 17.89
CA ALA C 45 -6.87 -26.31 17.11
C ALA C 45 -7.60 -26.09 15.79
N GLY C 46 -8.66 -25.28 15.80
CA GLY C 46 -9.47 -25.09 14.61
C GLY C 46 -8.93 -24.07 13.63
N ALA C 47 -7.96 -23.25 14.04
CA ALA C 47 -7.41 -22.24 13.15
C ALA C 47 -6.70 -22.84 11.93
N PRO C 48 -5.81 -23.84 12.05
CA PRO C 48 -5.26 -24.44 10.83
C PRO C 48 -6.30 -25.07 9.93
N VAL C 49 -7.34 -25.69 10.51
CA VAL C 49 -8.39 -26.29 9.70
C VAL C 49 -9.14 -25.23 8.90
N TYR C 50 -9.53 -24.14 9.58
CA TYR C 50 -10.23 -23.05 8.91
C TYR C 50 -9.38 -22.43 7.81
N LEU C 51 -8.10 -22.18 8.12
CA LEU C 51 -7.23 -21.56 7.14
C LEU C 51 -6.98 -22.47 5.95
N ALA C 52 -6.82 -23.78 6.18
CA ALA C 52 -6.64 -24.72 5.09
C ALA C 52 -7.89 -24.77 4.21
N ALA C 53 -9.07 -24.75 4.83
CA ALA C 53 -10.31 -24.73 4.05
C ALA C 53 -10.40 -23.48 3.19
N VAL C 54 -10.04 -22.32 3.76
CA VAL C 54 -10.11 -21.07 3.01
C VAL C 54 -9.14 -21.09 1.84
N LEU C 55 -7.91 -21.55 2.10
CA LEU C 55 -6.90 -21.62 1.03
C LEU C 55 -7.31 -22.57 -0.07
N GLU C 56 -7.88 -23.73 0.30
CA GLU C 56 -8.36 -24.67 -0.70
C GLU C 56 -9.48 -24.08 -1.53
N TYR C 57 -10.41 -23.36 -0.89
CA TYR C 57 -11.48 -22.71 -1.63
C TYR C 57 -10.94 -21.70 -2.62
N LEU C 58 -10.00 -20.87 -2.18
CA LEU C 58 -9.45 -19.85 -3.08
C LEU C 58 -8.71 -20.48 -4.26
N THR C 59 -7.92 -21.52 -3.99
CA THR C 59 -7.21 -22.21 -5.06
C THR C 59 -8.18 -22.85 -6.05
N ALA C 60 -9.23 -23.50 -5.55
CA ALA C 60 -10.22 -24.11 -6.44
C ALA C 60 -10.94 -23.06 -7.27
N GLU C 61 -11.28 -21.91 -6.65
CA GLU C 61 -11.98 -20.85 -7.36
C GLU C 61 -11.12 -20.29 -8.48
N ILE C 62 -9.82 -20.10 -8.24
CA ILE C 62 -8.95 -19.61 -9.30
C ILE C 62 -8.77 -20.67 -10.39
N LEU C 63 -8.58 -21.93 -10.00
CA LEU C 63 -8.32 -22.98 -10.98
C LEU C 63 -9.52 -23.24 -11.87
N GLU C 64 -10.74 -23.05 -11.35
CA GLU C 64 -11.94 -23.17 -12.18
C GLU C 64 -11.88 -22.23 -13.39
N LEU C 65 -11.66 -20.94 -13.12
CA LEU C 65 -11.58 -19.96 -14.19
C LEU C 65 -10.33 -20.15 -15.05
N ALA C 66 -9.23 -20.61 -14.45
CA ALA C 66 -8.03 -20.87 -15.23
C ALA C 66 -8.25 -22.01 -16.23
N GLY C 67 -8.92 -23.08 -15.80
CA GLY C 67 -9.26 -24.15 -16.72
C GLY C 67 -10.26 -23.71 -17.78
N ASN C 68 -11.20 -22.84 -17.40
CA ASN C 68 -12.12 -22.28 -18.40
C ASN C 68 -11.36 -21.51 -19.47
N ALA C 69 -10.41 -20.66 -19.05
CA ALA C 69 -9.60 -19.93 -20.01
C ALA C 69 -8.76 -20.87 -20.85
N ALA C 70 -8.23 -21.93 -20.25
CA ALA C 70 -7.41 -22.89 -20.98
C ALA C 70 -8.22 -23.61 -22.06
N ARG C 71 -9.44 -24.03 -21.75
CA ARG C 71 -10.26 -24.69 -22.77
C ARG C 71 -10.72 -23.70 -23.83
N ASP C 72 -10.94 -22.45 -23.44
CA ASP C 72 -11.32 -21.43 -24.43
C ASP C 72 -10.22 -21.16 -25.44
N ASN C 73 -8.98 -21.54 -25.14
CA ASN C 73 -7.86 -21.37 -26.05
C ASN C 73 -7.45 -22.70 -26.69
N LYS C 74 -8.28 -23.74 -26.50
CA LYS C 74 -8.00 -25.08 -27.01
C LYS C 74 -6.67 -25.62 -26.47
N LYS C 75 -6.48 -25.36 -25.20
CA LYS C 75 -5.25 -25.89 -24.62
C LYS C 75 -5.63 -26.76 -23.44
N THR C 76 -4.89 -27.82 -23.29
CA THR C 76 -5.17 -28.74 -22.20
C THR C 76 -4.46 -28.36 -20.92
N ARG C 77 -3.30 -27.73 -21.02
CA ARG C 77 -2.51 -27.35 -19.86
C ARG C 77 -2.70 -25.86 -19.54
N ILE C 78 -2.44 -25.53 -18.29
CA ILE C 78 -2.62 -24.18 -17.78
C ILE C 78 -1.27 -23.46 -17.82
N ILE C 79 -1.27 -22.25 -18.37
CA ILE C 79 -0.07 -21.43 -18.47
C ILE C 79 -0.33 -20.15 -17.70
N PRO C 80 0.71 -19.36 -17.40
CA PRO C 80 0.48 -18.09 -16.68
C PRO C 80 -0.47 -17.14 -17.38
N ARG C 81 -0.56 -17.20 -18.71
CA ARG C 81 -1.53 -16.36 -19.42
C ARG C 81 -2.95 -16.69 -19.00
N HIS C 82 -3.25 -17.98 -18.81
CA HIS C 82 -4.59 -18.37 -18.38
C HIS C 82 -4.88 -17.86 -16.97
N LEU C 83 -3.90 -17.93 -16.07
CA LEU C 83 -4.09 -17.38 -14.73
C LEU C 83 -4.31 -15.87 -14.78
N GLN C 84 -3.55 -15.18 -15.63
CA GLN C 84 -3.71 -13.73 -15.79
C GLN C 84 -5.10 -13.39 -16.29
N LEU C 85 -5.55 -14.08 -17.34
CA LEU C 85 -6.87 -13.83 -17.91
C LEU C 85 -7.97 -14.13 -16.88
N ALA C 86 -7.85 -15.25 -16.17
CA ALA C 86 -8.86 -15.61 -15.19
C ALA C 86 -8.94 -14.61 -14.06
N ILE C 87 -7.79 -14.13 -13.58
CA ILE C 87 -7.78 -13.18 -12.48
C ILE C 87 -8.33 -11.84 -12.92
N ARG C 88 -7.92 -11.36 -14.09
CA ARG C 88 -8.34 -10.03 -14.52
C ARG C 88 -9.79 -10.00 -14.98
N ASN C 89 -10.30 -11.12 -15.50
CA ASN C 89 -11.68 -11.14 -15.96
C ASN C 89 -12.66 -11.11 -14.78
N ASP C 90 -12.37 -11.88 -13.73
CA ASP C 90 -13.23 -11.87 -12.55
C ASP C 90 -13.01 -10.60 -11.75
N GLU C 91 -14.10 -9.96 -11.32
CA GLU C 91 -14.00 -8.68 -10.64
C GLU C 91 -13.44 -8.83 -9.22
N GLU C 92 -13.93 -9.83 -8.48
CA GLU C 92 -13.51 -10.00 -7.09
C GLU C 92 -12.07 -10.50 -7.01
N LEU C 93 -11.68 -11.40 -7.90
CA LEU C 93 -10.29 -11.81 -7.98
C LEU C 93 -9.39 -10.65 -8.40
N ASN C 94 -9.88 -9.80 -9.30
CA ASN C 94 -9.12 -8.62 -9.71
C ASN C 94 -8.89 -7.70 -8.53
N LYS C 95 -9.91 -7.46 -7.71
CA LYS C 95 -9.73 -6.58 -6.55
C LYS C 95 -8.84 -7.25 -5.50
N LEU C 96 -8.96 -8.57 -5.34
CA LEU C 96 -8.10 -9.28 -4.41
C LEU C 96 -6.63 -9.16 -4.79
N LEU C 97 -6.33 -9.28 -6.09
CA LEU C 97 -4.96 -9.30 -6.58
C LEU C 97 -4.68 -8.12 -7.50
N GLY C 98 -5.16 -6.92 -7.11
CA GLY C 98 -4.97 -5.75 -7.93
C GLY C 98 -3.56 -5.19 -7.92
N LYS C 99 -2.79 -5.47 -6.87
CA LYS C 99 -1.42 -4.99 -6.74
C LYS C 99 -0.41 -6.12 -6.90
N VAL C 100 -0.70 -7.08 -7.78
CA VAL C 100 0.12 -8.27 -7.96
C VAL C 100 0.49 -8.38 -9.42
N THR C 101 1.78 -8.58 -9.69
CA THR C 101 2.27 -8.78 -11.04
C THR C 101 2.55 -10.26 -11.25
N ILE C 102 1.95 -10.84 -12.29
CA ILE C 102 2.08 -12.25 -12.60
C ILE C 102 3.11 -12.42 -13.71
N ALA C 103 4.12 -13.24 -13.45
CA ALA C 103 5.19 -13.45 -14.42
C ALA C 103 4.67 -14.15 -15.67
N GLN C 104 5.10 -13.66 -16.83
CA GLN C 104 4.72 -14.22 -18.13
C GLN C 104 3.21 -14.28 -18.31
N GLY C 105 2.51 -13.25 -17.84
CA GLY C 105 1.07 -13.23 -17.90
C GLY C 105 0.51 -12.30 -18.95
N GLY C 106 1.26 -11.28 -19.33
CA GLY C 106 0.76 -10.33 -20.30
C GLY C 106 -0.28 -9.40 -19.72
N VAL C 107 -1.09 -8.83 -20.61
CA VAL C 107 -2.12 -7.87 -20.23
C VAL C 107 -3.44 -8.26 -20.88
N LEU C 108 -4.51 -7.71 -20.33
CA LEU C 108 -5.85 -7.93 -20.87
C LEU C 108 -6.02 -7.12 -22.15
N PRO C 109 -6.47 -7.74 -23.25
CA PRO C 109 -6.69 -6.98 -24.48
C PRO C 109 -7.79 -5.94 -24.33
N ASN C 110 -7.43 -4.68 -24.51
CA ASN C 110 -8.38 -3.57 -24.36
C ASN C 110 -7.85 -2.38 -25.14
N ILE C 111 -8.58 -1.99 -26.19
CA ILE C 111 -8.24 -0.82 -26.99
C ILE C 111 -9.34 0.22 -26.79
N GLN C 112 -8.92 1.45 -26.51
CA GLN C 112 -9.87 2.53 -26.29
C GLN C 112 -10.66 2.83 -27.56
N ALA C 113 -11.93 3.20 -27.38
CA ALA C 113 -12.85 3.31 -28.52
C ALA C 113 -12.50 4.47 -29.44
N VAL C 114 -11.94 5.56 -28.91
CA VAL C 114 -11.58 6.70 -29.74
C VAL C 114 -10.45 6.34 -30.69
N LEU C 115 -9.55 5.46 -30.26
CA LEU C 115 -8.44 5.04 -31.11
C LEU C 115 -8.91 4.16 -32.27
N LEU C 116 -10.07 3.53 -32.12
CA LEU C 116 -10.62 2.71 -33.18
C LEU C 116 -10.94 3.58 -34.40
N PRO C 117 -10.71 3.07 -35.62
CA PRO C 117 -10.80 3.93 -36.79
C PRO C 117 -12.24 4.20 -37.25
N LYS C 118 -12.49 5.45 -37.61
CA LYS C 118 -13.79 5.87 -38.13
C LYS C 118 -14.13 5.17 -39.44
N SER D 32 18.06 -28.46 0.39
CA SER D 32 17.65 -29.67 1.08
C SER D 32 16.18 -30.01 0.78
N ARG D 33 15.47 -30.49 1.79
CA ARG D 33 14.07 -30.88 1.63
C ARG D 33 13.20 -29.63 1.57
N LYS D 34 13.07 -29.08 0.37
CA LYS D 34 12.21 -27.91 0.17
C LYS D 34 10.74 -28.33 0.25
N GLU D 35 9.91 -27.41 0.73
CA GLU D 35 8.49 -27.64 0.91
C GLU D 35 7.69 -26.78 -0.06
N SER D 36 6.66 -27.37 -0.67
CA SER D 36 5.85 -26.67 -1.65
C SER D 36 4.44 -27.23 -1.64
N TYR D 37 3.52 -26.47 -2.22
CA TYR D 37 2.11 -26.86 -2.34
C TYR D 37 1.82 -27.55 -3.68
N SER D 38 2.83 -28.11 -4.34
CA SER D 38 2.64 -28.69 -5.65
C SER D 38 1.68 -29.88 -5.61
N VAL D 39 1.82 -30.74 -4.60
CA VAL D 39 0.95 -31.89 -4.46
C VAL D 39 -0.48 -31.45 -4.18
N TYR D 40 -0.64 -30.45 -3.31
CA TYR D 40 -1.97 -30.02 -2.89
C TYR D 40 -2.71 -29.30 -4.01
N VAL D 41 -2.01 -28.43 -4.75
CA VAL D 41 -2.64 -27.72 -5.85
C VAL D 41 -3.04 -28.70 -6.95
N TYR D 42 -2.21 -29.71 -7.21
CA TYR D 42 -2.51 -30.67 -8.27
C TYR D 42 -3.74 -31.51 -7.93
N LYS D 43 -3.91 -31.85 -6.65
CA LYS D 43 -5.11 -32.60 -6.24
C LYS D 43 -6.37 -31.78 -6.44
N VAL D 44 -6.31 -30.48 -6.13
CA VAL D 44 -7.47 -29.61 -6.32
C VAL D 44 -7.79 -29.47 -7.80
N LEU D 45 -6.75 -29.45 -8.64
CA LEU D 45 -6.96 -29.31 -10.08
C LEU D 45 -7.73 -30.50 -10.66
N LYS D 46 -7.43 -31.70 -10.16
CA LYS D 46 -8.00 -32.92 -10.73
C LYS D 46 -9.44 -33.18 -10.32
N GLN D 47 -10.04 -32.36 -9.45
CA GLN D 47 -11.44 -32.52 -9.11
C GLN D 47 -12.33 -31.46 -9.77
N VAL D 48 -11.81 -30.25 -9.99
CA VAL D 48 -12.58 -29.24 -10.72
C VAL D 48 -12.41 -29.42 -12.22
N HIS D 49 -11.28 -29.96 -12.66
CA HIS D 49 -11.01 -30.17 -14.08
C HIS D 49 -10.22 -31.46 -14.22
N PRO D 50 -10.90 -32.61 -14.31
CA PRO D 50 -10.19 -33.90 -14.29
C PRO D 50 -9.24 -34.11 -15.46
N ASP D 51 -9.42 -33.41 -16.57
CA ASP D 51 -8.61 -33.62 -17.77
C ASP D 51 -7.81 -32.39 -18.15
N THR D 52 -7.38 -31.59 -17.17
CA THR D 52 -6.62 -30.39 -17.39
C THR D 52 -5.34 -30.43 -16.58
N GLY D 53 -4.21 -30.16 -17.23
CA GLY D 53 -2.92 -30.12 -16.58
C GLY D 53 -2.49 -28.72 -16.20
N ILE D 54 -1.22 -28.61 -15.79
CA ILE D 54 -0.65 -27.33 -15.39
C ILE D 54 0.86 -27.42 -15.59
N SER D 55 1.45 -26.33 -16.06
CA SER D 55 2.89 -26.26 -16.32
C SER D 55 3.65 -25.86 -15.06
N SER D 56 4.97 -26.04 -15.11
CA SER D 56 5.83 -25.65 -14.00
C SER D 56 5.76 -24.15 -13.76
N LYS D 57 5.78 -23.37 -14.83
CA LYS D 57 5.68 -21.91 -14.71
C LYS D 57 4.37 -21.51 -14.05
N ALA D 58 3.26 -22.12 -14.49
CA ALA D 58 1.96 -21.78 -13.92
C ALA D 58 1.81 -22.28 -12.49
N MET D 59 2.42 -23.43 -12.16
CA MET D 59 2.26 -23.99 -10.82
C MET D 59 3.08 -23.23 -9.79
N GLY D 60 4.23 -22.68 -10.17
CA GLY D 60 4.99 -21.86 -9.24
C GLY D 60 4.30 -20.56 -8.90
N ILE D 61 3.44 -20.08 -9.79
CA ILE D 61 2.63 -18.90 -9.49
C ILE D 61 1.57 -19.25 -8.45
N MET D 62 0.96 -20.43 -8.58
CA MET D 62 -0.01 -20.88 -7.58
C MET D 62 0.64 -21.10 -6.22
N ASN D 63 1.92 -21.47 -6.20
CA ASN D 63 2.63 -21.55 -4.93
C ASN D 63 2.87 -20.16 -4.35
N SER D 64 3.13 -19.18 -5.21
CA SER D 64 3.30 -17.82 -4.73
C SER D 64 1.99 -17.25 -4.21
N PHE D 65 0.87 -17.59 -4.86
CA PHE D 65 -0.43 -17.09 -4.44
C PHE D 65 -0.80 -17.61 -3.05
N VAL D 66 -0.61 -18.91 -2.82
CA VAL D 66 -1.01 -19.51 -1.56
C VAL D 66 -0.17 -18.95 -0.42
N ASN D 67 1.14 -18.84 -0.63
CA ASN D 67 2.02 -18.28 0.40
C ASN D 67 1.69 -16.82 0.68
N ASP D 68 1.27 -16.08 -0.37
CA ASP D 68 0.89 -14.69 -0.19
C ASP D 68 -0.36 -14.57 0.69
N ILE D 69 -1.39 -15.36 0.38
CA ILE D 69 -2.64 -15.28 1.13
C ILE D 69 -2.46 -15.82 2.54
N PHE D 70 -1.64 -16.86 2.70
CA PHE D 70 -1.36 -17.41 4.02
C PHE D 70 -0.74 -16.35 4.93
N GLU D 71 0.27 -15.63 4.42
CA GLU D 71 0.87 -14.56 5.21
C GLU D 71 -0.09 -13.39 5.40
N ARG D 72 -0.96 -13.15 4.42
CA ARG D 72 -1.90 -12.04 4.52
C ARG D 72 -2.95 -12.30 5.61
N ILE D 73 -3.53 -13.50 5.61
CA ILE D 73 -4.57 -13.83 6.59
C ILE D 73 -3.98 -13.97 7.98
N ALA D 74 -2.85 -14.67 8.10
CA ALA D 74 -2.24 -14.89 9.41
C ALA D 74 -1.71 -13.59 10.01
N GLY D 75 -1.21 -12.68 9.16
CA GLY D 75 -0.77 -11.39 9.68
C GLY D 75 -1.91 -10.57 10.23
N GLU D 76 -3.05 -10.56 9.53
CA GLU D 76 -4.24 -9.85 10.04
C GLU D 76 -4.75 -10.47 11.32
N ALA D 77 -4.79 -11.81 11.38
CA ALA D 77 -5.22 -12.49 12.60
C ALA D 77 -4.26 -12.24 13.75
N SER D 78 -2.96 -12.17 13.45
CA SER D 78 -1.97 -11.88 14.49
C SER D 78 -2.18 -10.49 15.07
N ARG D 79 -2.43 -9.50 14.20
CA ARG D 79 -2.76 -8.16 14.67
C ARG D 79 -4.10 -8.16 15.40
N LEU D 80 -5.04 -8.99 14.94
CA LEU D 80 -6.37 -9.02 15.53
C LEU D 80 -6.32 -9.48 16.98
N ALA D 81 -5.51 -10.50 17.27
CA ALA D 81 -5.36 -10.95 18.65
C ALA D 81 -4.66 -9.91 19.52
N HIS D 82 -3.66 -9.22 18.95
CA HIS D 82 -2.94 -8.20 19.70
C HIS D 82 -3.84 -7.00 20.03
N TYR D 83 -4.76 -6.66 19.12
CA TYR D 83 -5.66 -5.55 19.37
C TYR D 83 -6.54 -5.80 20.58
N ASN D 84 -7.02 -7.02 20.74
CA ASN D 84 -7.89 -7.39 21.85
C ASN D 84 -7.13 -7.95 23.04
N LYS D 85 -5.80 -7.79 23.06
CA LYS D 85 -4.94 -8.28 24.14
C LYS D 85 -5.15 -9.77 24.38
N ARG D 86 -5.17 -10.53 23.28
CA ARG D 86 -5.32 -11.97 23.35
C ARG D 86 -3.99 -12.65 23.03
N SER D 87 -3.89 -13.92 23.40
CA SER D 87 -2.65 -14.68 23.24
C SER D 87 -2.79 -15.89 22.33
N THR D 88 -3.98 -16.15 21.79
CA THR D 88 -4.24 -17.34 20.99
C THR D 88 -4.93 -16.93 19.70
N ILE D 89 -4.59 -17.63 18.62
CA ILE D 89 -5.23 -17.45 17.32
C ILE D 89 -6.20 -18.60 17.15
N THR D 90 -7.48 -18.32 17.30
CA THR D 90 -8.53 -19.31 17.17
C THR D 90 -9.21 -19.18 15.81
N SER D 91 -10.20 -20.03 15.57
CA SER D 91 -10.94 -19.96 14.31
C SER D 91 -11.74 -18.67 14.20
N ARG D 92 -12.10 -18.07 15.34
CA ARG D 92 -12.80 -16.79 15.32
C ARG D 92 -11.93 -15.69 14.74
N GLU D 93 -10.65 -15.67 15.12
CA GLU D 93 -9.72 -14.68 14.56
C GLU D 93 -9.51 -14.91 13.06
N ILE D 94 -9.41 -16.17 12.64
CA ILE D 94 -9.22 -16.47 11.23
C ILE D 94 -10.47 -16.11 10.43
N GLN D 95 -11.65 -16.31 11.02
CA GLN D 95 -12.90 -15.96 10.34
C GLN D 95 -12.99 -14.46 10.09
N THR D 96 -12.67 -13.66 11.09
CA THR D 96 -12.76 -12.21 10.95
C THR D 96 -11.73 -11.68 9.97
N ALA D 97 -10.53 -12.26 9.97
CA ALA D 97 -9.50 -11.86 9.01
C ALA D 97 -9.92 -12.16 7.58
N VAL D 98 -10.59 -13.30 7.37
CA VAL D 98 -11.11 -13.62 6.04
C VAL D 98 -12.17 -12.62 5.62
N ARG D 99 -13.04 -12.24 6.56
CA ARG D 99 -14.08 -11.25 6.28
C ARG D 99 -13.51 -9.87 5.99
N LEU D 100 -12.32 -9.57 6.49
CA LEU D 100 -11.69 -8.28 6.20
C LEU D 100 -10.97 -8.32 4.86
N LEU D 101 -10.18 -9.37 4.61
CA LEU D 101 -9.36 -9.43 3.41
C LEU D 101 -10.16 -9.79 2.17
N LEU D 102 -11.11 -10.73 2.28
CA LEU D 102 -11.69 -11.11 1.01
C LEU D 102 -12.90 -10.23 0.68
N PRO D 103 -13.07 -9.87 -0.59
CA PRO D 103 -14.16 -8.94 -0.95
C PRO D 103 -15.47 -9.61 -1.32
N GLY D 104 -16.56 -9.08 -0.77
CA GLY D 104 -17.90 -9.43 -1.23
C GLY D 104 -18.21 -10.92 -1.15
N GLU D 105 -18.66 -11.47 -2.28
CA GLU D 105 -19.06 -12.88 -2.33
C GLU D 105 -17.88 -13.79 -2.03
N LEU D 106 -16.67 -13.39 -2.41
CA LEU D 106 -15.48 -14.21 -2.16
C LEU D 106 -15.29 -14.48 -0.68
N ALA D 107 -15.70 -13.55 0.19
CA ALA D 107 -15.63 -13.75 1.63
C ALA D 107 -16.79 -14.57 2.16
N LYS D 108 -17.99 -14.38 1.60
CA LYS D 108 -19.15 -15.13 2.06
C LYS D 108 -19.00 -16.62 1.82
N HIS D 109 -18.47 -17.00 0.65
CA HIS D 109 -18.27 -18.41 0.36
C HIS D 109 -17.11 -18.99 1.14
N ALA D 110 -16.05 -18.20 1.35
CA ALA D 110 -14.89 -18.68 2.10
C ALA D 110 -15.25 -18.95 3.56
N VAL D 111 -16.07 -18.08 4.15
CA VAL D 111 -16.48 -18.30 5.54
C VAL D 111 -17.31 -19.58 5.66
N SER D 112 -18.23 -19.81 4.72
CA SER D 112 -19.05 -21.01 4.76
C SER D 112 -18.19 -22.27 4.58
N GLU D 113 -17.20 -22.20 3.70
CA GLU D 113 -16.27 -23.32 3.54
C GLU D 113 -15.43 -23.53 4.79
N GLY D 114 -15.00 -22.44 5.43
CA GLY D 114 -14.20 -22.57 6.63
C GLY D 114 -14.97 -23.17 7.80
N THR D 115 -16.21 -22.70 8.01
CA THR D 115 -17.01 -23.23 9.11
C THR D 115 -17.44 -24.67 8.86
N LYS D 116 -17.67 -25.04 7.60
CA LYS D 116 -18.07 -26.41 7.29
C LYS D 116 -16.98 -27.41 7.66
N ALA D 117 -15.71 -27.05 7.42
CA ALA D 117 -14.60 -27.93 7.77
C ALA D 117 -14.45 -28.07 9.28
N VAL D 118 -14.65 -26.98 10.02
CA VAL D 118 -14.44 -27.00 11.46
C VAL D 118 -15.46 -27.92 12.13
N THR D 119 -16.74 -27.83 11.71
CA THR D 119 -17.76 -28.70 12.28
C THR D 119 -17.48 -30.17 11.99
N LYS D 120 -17.02 -30.47 10.77
CA LYS D 120 -16.67 -31.84 10.42
C LYS D 120 -15.47 -32.31 11.23
N TYR D 121 -14.47 -31.45 11.38
CA TYR D 121 -13.28 -31.79 12.17
C TYR D 121 -13.64 -32.02 13.63
N THR D 122 -14.52 -31.18 14.19
CA THR D 122 -14.88 -31.28 15.60
C THR D 122 -15.65 -32.56 15.90
N SER D 123 -16.32 -33.14 14.91
CA SER D 123 -17.05 -34.39 15.09
C SER D 123 -16.36 -35.57 14.42
N SER D 124 -15.08 -35.42 14.09
CA SER D 124 -14.28 -36.47 13.46
C SER D 124 -14.90 -36.99 12.17
N PRO E 38 2.76 0.65 -55.73
CA PRO E 38 3.05 0.33 -54.33
C PRO E 38 1.84 0.53 -53.42
N HIS E 39 1.61 -0.40 -52.50
CA HIS E 39 0.48 -0.33 -51.57
C HIS E 39 1.01 0.11 -50.21
N ARG E 40 0.49 1.23 -49.71
CA ARG E 40 0.91 1.78 -48.43
C ARG E 40 -0.30 1.89 -47.51
N TYR E 41 -0.18 1.29 -46.32
CA TYR E 41 -1.26 1.35 -45.35
C TYR E 41 -1.36 2.74 -44.75
N ARG E 42 -2.60 3.15 -44.43
CA ARG E 42 -2.82 4.43 -43.79
C ARG E 42 -2.29 4.40 -42.36
N PRO E 43 -1.89 5.56 -41.81
CA PRO E 43 -1.10 5.55 -40.55
C PRO E 43 -1.77 4.87 -39.37
N GLY E 44 -3.09 5.00 -39.22
CA GLY E 44 -3.75 4.42 -38.06
C GLY E 44 -3.72 2.90 -38.01
N THR E 45 -3.74 2.25 -39.18
CA THR E 45 -3.98 0.81 -39.23
C THR E 45 -2.84 0.01 -38.60
N VAL E 46 -1.60 0.28 -39.02
CA VAL E 46 -0.46 -0.53 -38.56
C VAL E 46 -0.24 -0.35 -37.07
N ALA E 47 -0.49 0.84 -36.54
CA ALA E 47 -0.38 1.06 -35.10
C ALA E 47 -1.34 0.17 -34.33
N LEU E 48 -2.60 0.13 -34.76
CA LEU E 48 -3.59 -0.74 -34.10
C LEU E 48 -3.22 -2.21 -34.26
N ARG E 49 -2.69 -2.59 -35.43
CA ARG E 49 -2.25 -3.97 -35.63
C ARG E 49 -1.16 -4.35 -34.63
N GLU E 50 -0.17 -3.48 -34.48
CA GLU E 50 0.87 -3.70 -33.48
C GLU E 50 0.30 -3.76 -32.08
N ILE E 51 -0.69 -2.90 -31.78
CA ILE E 51 -1.32 -2.90 -30.47
C ILE E 51 -1.93 -4.27 -30.17
N ARG E 52 -2.72 -4.79 -31.12
CA ARG E 52 -3.32 -6.10 -30.94
C ARG E 52 -2.27 -7.19 -30.83
N ARG E 53 -1.21 -7.12 -31.64
CA ARG E 53 -0.16 -8.13 -31.60
C ARG E 53 0.54 -8.18 -30.26
N TYR E 54 0.92 -7.02 -29.71
CA TYR E 54 1.64 -6.99 -28.46
C TYR E 54 0.73 -7.07 -27.25
N GLN E 55 -0.58 -6.98 -27.43
CA GLN E 55 -1.50 -7.28 -26.33
C GLN E 55 -1.91 -8.75 -26.30
N LYS E 56 -1.80 -9.45 -27.44
CA LYS E 56 -2.11 -10.88 -27.45
C LYS E 56 -1.02 -11.71 -26.80
N SER E 57 0.24 -11.26 -26.88
CA SER E 57 1.38 -12.07 -26.48
C SER E 57 1.80 -11.78 -25.05
N THR E 58 2.83 -12.51 -24.59
CA THR E 58 3.38 -12.32 -23.25
C THR E 58 4.91 -12.24 -23.26
N GLU E 59 5.53 -12.02 -24.40
CA GLU E 59 6.98 -11.96 -24.50
C GLU E 59 7.51 -10.74 -23.75
N LEU E 60 8.82 -10.71 -23.57
CA LEU E 60 9.50 -9.52 -23.04
C LEU E 60 9.89 -8.64 -24.21
N LEU E 61 9.54 -7.35 -24.13
CA LEU E 61 9.72 -6.43 -25.24
C LEU E 61 11.05 -5.70 -25.20
N ILE E 62 11.63 -5.54 -24.03
CA ILE E 62 12.97 -4.99 -23.89
C ILE E 62 13.98 -6.11 -24.11
N ARG E 63 15.06 -5.80 -24.83
CA ARG E 63 16.12 -6.77 -25.02
C ARG E 63 16.77 -7.12 -23.67
N LYS E 64 17.43 -8.27 -23.63
CA LYS E 64 17.90 -8.81 -22.35
C LYS E 64 19.30 -8.37 -21.98
N LEU E 65 20.26 -8.47 -22.91
CA LEU E 65 21.61 -8.00 -22.61
C LEU E 65 21.69 -6.50 -22.34
N PRO E 66 21.06 -5.60 -23.13
CA PRO E 66 21.08 -4.18 -22.76
C PRO E 66 20.47 -3.92 -21.40
N PHE E 67 19.37 -4.58 -21.06
CA PHE E 67 18.75 -4.38 -19.76
C PHE E 67 19.65 -4.88 -18.63
N GLN E 68 20.31 -6.03 -18.84
CA GLN E 68 21.25 -6.54 -17.86
C GLN E 68 22.41 -5.59 -17.64
N ARG E 69 22.94 -5.02 -18.73
CA ARG E 69 24.03 -4.06 -18.61
C ARG E 69 23.58 -2.81 -17.87
N LEU E 70 22.35 -2.35 -18.13
CA LEU E 70 21.83 -1.19 -17.42
C LEU E 70 21.65 -1.49 -15.93
N VAL E 71 21.15 -2.68 -15.61
CA VAL E 71 21.00 -3.07 -14.20
C VAL E 71 22.35 -3.12 -13.49
N ARG E 72 23.36 -3.70 -14.15
CA ARG E 72 24.68 -3.73 -13.55
C ARG E 72 25.25 -2.33 -13.35
N GLU E 73 25.09 -1.46 -14.34
CA GLU E 73 25.54 -0.07 -14.20
C GLU E 73 24.86 0.60 -13.01
N ILE E 74 23.55 0.43 -12.87
CA ILE E 74 22.82 1.06 -11.78
C ILE E 74 23.29 0.50 -10.43
N ALA E 75 23.56 -0.80 -10.38
CA ALA E 75 23.99 -1.44 -9.14
C ALA E 75 25.45 -1.17 -8.79
N GLN E 76 26.25 -0.66 -9.72
CA GLN E 76 27.63 -0.30 -9.38
C GLN E 76 27.67 0.81 -8.33
N ASP E 77 26.70 1.73 -8.38
CA ASP E 77 26.71 2.86 -7.45
C ASP E 77 26.56 2.43 -6.00
N PHE E 78 25.81 1.37 -5.74
CA PHE E 78 25.52 0.98 -4.36
C PHE E 78 26.59 0.06 -3.77
N LYS E 79 27.10 -0.88 -4.57
CA LYS E 79 28.15 -1.78 -4.08
C LYS E 79 28.94 -2.30 -5.27
N THR E 80 30.25 -2.09 -5.24
CA THR E 80 31.11 -2.57 -6.32
C THR E 80 31.26 -4.09 -6.26
N ASP E 81 31.52 -4.67 -7.43
CA ASP E 81 31.79 -6.10 -7.58
C ASP E 81 30.62 -6.95 -7.08
N LEU E 82 29.47 -6.77 -7.72
CA LEU E 82 28.28 -7.56 -7.43
C LEU E 82 28.07 -8.59 -8.53
N ARG E 83 27.61 -9.77 -8.14
CA ARG E 83 27.41 -10.90 -9.05
C ARG E 83 25.92 -11.22 -9.11
N PHE E 84 25.24 -10.73 -10.14
CA PHE E 84 23.80 -10.92 -10.23
C PHE E 84 23.45 -12.35 -10.64
N GLN E 85 22.43 -12.90 -9.98
CA GLN E 85 21.86 -14.18 -10.36
C GLN E 85 20.84 -13.95 -11.48
N SER E 86 20.84 -14.84 -12.48
CA SER E 86 20.06 -14.61 -13.70
C SER E 86 18.57 -14.43 -13.41
N SER E 87 18.04 -15.21 -12.46
CA SER E 87 16.62 -15.09 -12.11
C SER E 87 16.31 -13.72 -11.53
N ALA E 88 17.26 -13.12 -10.81
CA ALA E 88 17.06 -11.77 -10.30
C ALA E 88 16.94 -10.75 -11.43
N VAL E 89 17.78 -10.88 -12.45
CA VAL E 89 17.70 -9.98 -13.60
C VAL E 89 16.39 -10.19 -14.35
N MET E 90 15.96 -11.44 -14.48
CA MET E 90 14.67 -11.72 -15.14
C MET E 90 13.52 -11.11 -14.36
N ALA E 91 13.52 -11.25 -13.04
CA ALA E 91 12.47 -10.66 -12.22
C ALA E 91 12.47 -9.15 -12.33
N LEU E 92 13.65 -8.54 -12.34
CA LEU E 92 13.74 -7.09 -12.52
C LEU E 92 13.17 -6.66 -13.85
N GLN E 93 13.49 -7.39 -14.93
CA GLN E 93 12.98 -7.04 -16.25
C GLN E 93 11.47 -7.17 -16.30
N GLU E 94 10.92 -8.23 -15.73
CA GLU E 94 9.48 -8.42 -15.77
C GLU E 94 8.75 -7.36 -14.95
N ALA E 95 9.28 -7.02 -13.78
CA ALA E 95 8.63 -6.00 -12.95
C ALA E 95 8.70 -4.63 -13.61
N SER E 96 9.86 -4.28 -14.18
CA SER E 96 10.00 -3.00 -14.86
C SER E 96 9.09 -2.92 -16.07
N GLU E 97 8.96 -4.02 -16.81
CA GLU E 97 8.09 -4.03 -17.98
C GLU E 97 6.62 -3.88 -17.59
N ALA E 98 6.20 -4.55 -16.51
CA ALA E 98 4.83 -4.39 -16.04
C ALA E 98 4.57 -2.96 -15.58
N TYR E 99 5.53 -2.37 -14.86
CA TYR E 99 5.39 -0.99 -14.42
C TYR E 99 5.27 -0.04 -15.61
N LEU E 100 6.11 -0.24 -16.63
CA LEU E 100 6.06 0.63 -17.79
C LEU E 100 4.75 0.47 -18.57
N VAL E 101 4.23 -0.76 -18.66
CA VAL E 101 2.96 -0.97 -19.34
C VAL E 101 1.83 -0.27 -18.60
N GLY E 102 1.79 -0.40 -17.27
CA GLY E 102 0.76 0.29 -16.51
C GLY E 102 0.87 1.80 -16.62
N LEU E 103 2.10 2.32 -16.56
CA LEU E 103 2.30 3.76 -16.70
C LEU E 103 1.87 4.24 -18.07
N PHE E 104 2.15 3.47 -19.13
CA PHE E 104 1.73 3.85 -20.46
C PHE E 104 0.21 3.79 -20.62
N GLU E 105 -0.45 2.85 -19.93
CA GLU E 105 -1.91 2.83 -19.94
C GLU E 105 -2.47 4.11 -19.31
N ASP E 106 -1.95 4.47 -18.14
CA ASP E 106 -2.42 5.70 -17.48
C ASP E 106 -2.11 6.93 -18.33
N THR E 107 -0.95 6.93 -18.99
CA THR E 107 -0.60 8.02 -19.90
C THR E 107 -1.58 8.11 -21.07
N ASN E 108 -1.98 6.96 -21.61
CA ASN E 108 -2.92 6.96 -22.72
C ASN E 108 -4.28 7.52 -22.29
N LEU E 109 -4.76 7.12 -21.12
CA LEU E 109 -6.01 7.68 -20.62
C LEU E 109 -5.90 9.18 -20.38
N ALA E 110 -4.76 9.64 -19.86
CA ALA E 110 -4.56 11.08 -19.68
C ALA E 110 -4.55 11.81 -21.02
N ALA E 111 -3.95 11.19 -22.05
CA ALA E 111 -3.93 11.80 -23.38
C ALA E 111 -5.33 11.92 -23.96
N ILE E 112 -6.13 10.86 -23.83
CA ILE E 112 -7.50 10.89 -24.33
C ILE E 112 -8.35 11.89 -23.56
N HIS E 113 -8.08 12.06 -22.26
CA HIS E 113 -8.83 13.05 -21.48
C HIS E 113 -8.66 14.46 -22.04
N ALA E 114 -7.49 14.77 -22.59
CA ALA E 114 -7.18 16.10 -23.10
C ALA E 114 -7.56 16.27 -24.56
N LYS E 115 -8.52 15.48 -25.06
CA LYS E 115 -8.97 15.54 -26.46
C LYS E 115 -7.82 15.33 -27.43
N ARG E 116 -6.97 14.35 -27.14
CA ARG E 116 -5.79 14.08 -27.95
C ARG E 116 -5.66 12.57 -28.18
N VAL E 117 -4.83 12.23 -29.17
CA VAL E 117 -4.48 10.85 -29.46
C VAL E 117 -3.01 10.59 -29.17
N THR E 118 -2.14 11.53 -29.49
CA THR E 118 -0.71 11.39 -29.26
C THR E 118 -0.41 11.64 -27.78
N ILE E 119 0.30 10.70 -27.16
CA ILE E 119 0.76 10.88 -25.78
C ILE E 119 1.96 11.81 -25.77
N MET E 120 2.03 12.65 -24.75
CA MET E 120 3.08 13.63 -24.58
C MET E 120 3.71 13.46 -23.20
N PRO E 121 4.94 13.96 -23.00
CA PRO E 121 5.57 13.83 -21.67
C PRO E 121 4.76 14.47 -20.54
N LYS E 122 3.97 15.51 -20.84
CA LYS E 122 3.09 16.08 -19.84
C LYS E 122 2.05 15.07 -19.37
N ASP E 123 1.63 14.16 -20.25
CA ASP E 123 0.71 13.09 -19.86
C ASP E 123 1.35 12.16 -18.85
N ILE E 124 2.60 11.77 -19.10
CA ILE E 124 3.34 10.92 -18.17
C ILE E 124 3.51 11.63 -16.83
N GLN E 125 3.85 12.92 -16.88
CA GLN E 125 4.02 13.69 -15.65
C GLN E 125 2.72 13.75 -14.85
N LEU E 126 1.59 13.99 -15.53
CA LEU E 126 0.31 14.04 -14.83
C LEU E 126 -0.04 12.69 -14.22
N ALA E 127 0.18 11.61 -14.97
CA ALA E 127 -0.13 10.28 -14.45
C ALA E 127 0.71 9.97 -13.22
N ARG E 128 2.01 10.27 -13.28
CA ARG E 128 2.89 10.01 -12.13
C ARG E 128 2.54 10.90 -10.95
N ARG E 129 2.11 12.15 -11.20
CA ARG E 129 1.74 13.04 -10.12
C ARG E 129 0.48 12.57 -9.43
N ILE E 130 -0.53 12.13 -10.20
CA ILE E 130 -1.76 11.66 -9.58
C ILE E 130 -1.53 10.33 -8.86
N ARG E 131 -0.70 9.45 -9.44
CA ARG E 131 -0.42 8.17 -8.81
C ARG E 131 0.33 8.31 -7.50
N GLY E 132 1.05 9.39 -7.29
CA GLY E 132 1.72 9.63 -6.04
C GLY E 132 3.23 9.40 -6.09
N GLU E 133 3.80 9.47 -7.28
CA GLU E 133 5.24 9.28 -7.47
C GLU E 133 5.99 10.59 -7.63
N ARG E 134 5.31 11.72 -7.47
CA ARG E 134 5.96 13.03 -7.56
C ARG E 134 5.59 13.90 -6.37
N LEU F 22 30.89 0.47 -16.63
CA LEU F 22 29.70 0.58 -17.46
C LEU F 22 29.16 2.01 -17.48
N ARG F 23 28.86 2.50 -18.68
CA ARG F 23 28.36 3.87 -18.85
C ARG F 23 27.33 3.88 -19.96
N ASP F 24 26.54 4.95 -20.02
CA ASP F 24 25.52 5.19 -21.09
C ASP F 24 24.77 3.92 -21.52
N ASN F 25 24.47 3.01 -20.59
CA ASN F 25 23.67 1.85 -20.97
C ASN F 25 22.17 2.15 -20.93
N ILE F 26 21.78 3.36 -20.52
CA ILE F 26 20.37 3.74 -20.56
C ILE F 26 19.87 3.80 -22.00
N GLN F 27 20.77 4.11 -22.95
CA GLN F 27 20.41 4.11 -24.36
C GLN F 27 20.19 2.72 -24.92
N GLY F 28 20.54 1.67 -24.16
CA GLY F 28 20.20 0.32 -24.56
C GLY F 28 18.71 0.05 -24.55
N ILE F 29 17.93 0.90 -23.88
CA ILE F 29 16.48 0.83 -23.92
C ILE F 29 16.08 1.62 -25.17
N THR F 30 16.09 0.94 -26.31
CA THR F 30 15.96 1.61 -27.59
C THR F 30 14.54 2.14 -27.79
N LYS F 31 14.43 3.07 -28.75
CA LYS F 31 13.12 3.61 -29.12
C LYS F 31 12.13 2.53 -29.58
N PRO F 32 12.51 1.53 -30.39
CA PRO F 32 11.54 0.46 -30.69
C PRO F 32 11.04 -0.29 -29.47
N ALA F 33 11.87 -0.48 -28.44
CA ALA F 33 11.41 -1.17 -27.24
C ALA F 33 10.34 -0.37 -26.51
N ILE F 34 10.56 0.94 -26.34
CA ILE F 34 9.57 1.80 -25.73
C ILE F 34 8.31 1.85 -26.59
N ARG F 35 8.50 1.83 -27.91
CA ARG F 35 7.36 1.81 -28.84
C ARG F 35 6.51 0.56 -28.64
N ARG F 36 7.17 -0.60 -28.50
CA ARG F 36 6.45 -1.85 -28.27
C ARG F 36 5.76 -1.85 -26.91
N LEU F 37 6.41 -1.29 -25.90
CA LEU F 37 5.78 -1.20 -24.58
C LEU F 37 4.53 -0.31 -24.62
N ALA F 38 4.60 0.79 -25.37
CA ALA F 38 3.44 1.65 -25.54
C ALA F 38 2.33 0.95 -26.32
N ARG F 39 2.70 0.18 -27.35
CA ARG F 39 1.72 -0.59 -28.09
C ARG F 39 1.00 -1.61 -27.20
N ARG F 40 1.76 -2.31 -26.35
CA ARG F 40 1.13 -3.22 -25.40
C ARG F 40 0.26 -2.46 -24.40
N GLY F 41 0.66 -1.23 -24.04
CA GLY F 41 -0.17 -0.40 -23.20
C GLY F 41 -1.36 0.21 -23.90
N GLY F 42 -1.44 0.10 -25.22
CA GLY F 42 -2.59 0.60 -25.95
C GLY F 42 -2.45 2.01 -26.49
N VAL F 43 -1.25 2.42 -26.86
CA VAL F 43 -0.99 3.78 -27.35
C VAL F 43 -0.89 3.73 -28.86
N LYS F 44 -1.62 4.62 -29.54
CA LYS F 44 -1.62 4.64 -31.00
C LYS F 44 -0.49 5.49 -31.55
N ARG F 45 -0.42 6.76 -31.15
CA ARG F 45 0.64 7.66 -31.60
C ARG F 45 1.51 8.06 -30.43
N ILE F 46 2.83 8.06 -30.66
CA ILE F 46 3.82 8.34 -29.63
C ILE F 46 4.62 9.56 -30.05
N SER F 47 4.73 10.53 -29.15
CA SER F 47 5.51 11.73 -29.41
C SER F 47 7.01 11.43 -29.41
N GLY F 48 7.77 12.34 -30.01
CA GLY F 48 9.22 12.17 -30.07
C GLY F 48 9.87 12.22 -28.70
N LEU F 49 9.33 13.02 -27.79
CA LEU F 49 9.93 13.23 -26.48
C LEU F 49 9.53 12.15 -25.47
N ILE F 50 8.74 11.16 -25.87
CA ILE F 50 8.30 10.12 -24.94
C ILE F 50 9.46 9.23 -24.52
N TYR F 51 10.37 8.92 -25.46
CA TYR F 51 11.41 7.94 -25.20
C TYR F 51 12.35 8.39 -24.08
N GLU F 52 12.75 9.66 -24.09
CA GLU F 52 13.66 10.15 -23.05
C GLU F 52 12.99 10.13 -21.68
N GLU F 53 11.74 10.58 -21.62
CA GLU F 53 10.98 10.54 -20.37
C GLU F 53 10.84 9.12 -19.85
N THR F 54 10.52 8.18 -20.75
CA THR F 54 10.38 6.78 -20.36
C THR F 54 11.70 6.21 -19.84
N ARG F 55 12.81 6.57 -20.49
CA ARG F 55 14.12 6.13 -20.01
C ARG F 55 14.43 6.68 -18.63
N GLY F 56 14.06 7.94 -18.37
CA GLY F 56 14.28 8.50 -17.05
C GLY F 56 13.42 7.85 -15.98
N VAL F 57 12.16 7.60 -16.29
CA VAL F 57 11.25 6.96 -15.34
C VAL F 57 11.72 5.53 -15.05
N LEU F 58 12.12 4.81 -16.10
CA LEU F 58 12.65 3.46 -15.91
C LEU F 58 13.91 3.48 -15.06
N LYS F 59 14.79 4.44 -15.29
CA LYS F 59 16.00 4.54 -14.49
C LYS F 59 15.68 4.79 -13.03
N VAL F 60 14.74 5.70 -12.76
CA VAL F 60 14.38 6.02 -11.37
C VAL F 60 13.80 4.80 -10.68
N PHE F 61 12.87 4.12 -11.36
CA PHE F 61 12.27 2.91 -10.79
C PHE F 61 13.33 1.83 -10.54
N LEU F 62 14.26 1.67 -11.46
CA LEU F 62 15.29 0.65 -11.31
C LEU F 62 16.21 0.96 -10.13
N GLU F 63 16.62 2.22 -9.97
CA GLU F 63 17.43 2.57 -8.80
C GLU F 63 16.65 2.32 -7.51
N ASN F 64 15.36 2.68 -7.49
CA ASN F 64 14.56 2.49 -6.29
C ASN F 64 14.48 1.02 -5.89
N VAL F 65 14.27 0.13 -6.86
CA VAL F 65 14.17 -1.29 -6.55
C VAL F 65 15.53 -1.87 -6.19
N ILE F 66 16.57 -1.52 -6.95
CA ILE F 66 17.88 -2.13 -6.78
C ILE F 66 18.53 -1.69 -5.48
N ARG F 67 18.25 -0.47 -5.00
CA ARG F 67 18.76 -0.06 -3.70
C ARG F 67 18.30 -1.01 -2.60
N ASP F 68 17.01 -1.33 -2.57
CA ASP F 68 16.50 -2.25 -1.56
C ASP F 68 17.01 -3.66 -1.77
N ALA F 69 17.11 -4.10 -3.04
CA ALA F 69 17.63 -5.43 -3.31
C ALA F 69 19.08 -5.58 -2.84
N VAL F 70 19.91 -4.56 -3.10
CA VAL F 70 21.29 -4.59 -2.66
C VAL F 70 21.37 -4.52 -1.14
N THR F 71 20.49 -3.75 -0.50
CA THR F 71 20.46 -3.71 0.96
C THR F 71 20.14 -5.09 1.54
N TYR F 72 19.16 -5.78 0.95
CA TYR F 72 18.82 -7.12 1.39
C TYR F 72 19.98 -8.08 1.19
N THR F 73 20.68 -7.97 0.06
CA THR F 73 21.85 -8.82 -0.19
C THR F 73 22.95 -8.56 0.82
N GLU F 74 23.22 -7.28 1.11
CA GLU F 74 24.31 -6.94 2.02
C GLU F 74 24.02 -7.39 3.45
N HIS F 75 22.75 -7.31 3.86
CA HIS F 75 22.42 -7.72 5.23
C HIS F 75 22.67 -9.20 5.47
N ALA F 76 22.61 -10.02 4.42
CA ALA F 76 22.80 -11.45 4.54
C ALA F 76 24.27 -11.85 4.42
N LYS F 77 25.17 -10.87 4.37
CA LYS F 77 26.62 -11.10 4.21
C LYS F 77 26.92 -11.92 2.95
N ARG F 78 26.15 -11.67 1.90
CA ARG F 78 26.33 -12.32 0.61
C ARG F 78 26.81 -11.33 -0.42
N LYS F 79 27.34 -11.86 -1.53
CA LYS F 79 27.84 -11.04 -2.61
C LYS F 79 27.06 -11.20 -3.90
N THR F 80 26.07 -12.11 -3.94
CA THR F 80 25.23 -12.31 -5.11
C THR F 80 23.81 -11.85 -4.80
N VAL F 81 23.23 -11.10 -5.73
CA VAL F 81 21.83 -10.66 -5.61
C VAL F 81 20.95 -11.76 -6.18
N THR F 82 20.33 -12.54 -5.30
CA THR F 82 19.44 -13.60 -5.73
C THR F 82 18.08 -13.04 -6.14
N ALA F 83 17.25 -13.91 -6.71
CA ALA F 83 15.91 -13.48 -7.14
C ALA F 83 15.03 -13.15 -5.95
N MET F 84 15.20 -13.86 -4.83
CA MET F 84 14.40 -13.60 -3.65
C MET F 84 14.60 -12.20 -3.11
N ASP F 85 15.83 -11.67 -3.23
CA ASP F 85 16.08 -10.29 -2.80
C ASP F 85 15.27 -9.30 -3.64
N VAL F 86 15.23 -9.53 -4.96
CA VAL F 86 14.44 -8.67 -5.84
C VAL F 86 12.97 -8.80 -5.51
N VAL F 87 12.50 -10.03 -5.25
CA VAL F 87 11.09 -10.25 -4.93
C VAL F 87 10.72 -9.52 -3.64
N TYR F 88 11.57 -9.61 -2.62
CA TYR F 88 11.30 -8.92 -1.36
C TYR F 88 11.34 -7.41 -1.54
N ALA F 89 12.28 -6.91 -2.33
CA ALA F 89 12.36 -5.47 -2.58
C ALA F 89 11.11 -4.96 -3.30
N LEU F 90 10.62 -5.72 -4.27
CA LEU F 90 9.40 -5.34 -4.96
C LEU F 90 8.19 -5.39 -4.03
N LYS F 91 8.11 -6.44 -3.21
CA LYS F 91 7.00 -6.58 -2.28
C LYS F 91 7.00 -5.48 -1.24
N ARG F 92 8.19 -4.95 -0.90
CA ARG F 92 8.27 -3.83 0.03
C ARG F 92 7.56 -2.60 -0.54
N GLN F 93 7.71 -2.35 -1.84
CA GLN F 93 7.07 -1.22 -2.48
C GLN F 93 5.66 -1.55 -2.99
N GLY F 94 5.08 -2.66 -2.54
CA GLY F 94 3.73 -3.01 -2.90
C GLY F 94 3.55 -3.63 -4.28
N ARG F 95 4.64 -3.91 -5.00
CA ARG F 95 4.51 -4.47 -6.34
C ARG F 95 4.09 -5.94 -6.31
N THR F 96 4.63 -6.71 -5.37
CA THR F 96 4.23 -8.10 -5.10
C THR F 96 4.24 -8.95 -6.38
N LEU F 97 5.45 -9.21 -6.85
CA LEU F 97 5.65 -10.04 -8.04
C LEU F 97 5.45 -11.51 -7.73
N TYR F 98 4.65 -12.18 -8.54
CA TYR F 98 4.46 -13.63 -8.49
C TYR F 98 5.38 -14.30 -9.50
N GLY F 99 5.56 -15.61 -9.33
CA GLY F 99 6.46 -16.32 -10.20
C GLY F 99 7.74 -16.73 -9.51
N PHE F 100 8.81 -15.98 -9.76
CA PHE F 100 10.11 -16.23 -9.15
C PHE F 100 10.00 -16.34 -7.64
N GLY F 101 10.45 -17.47 -7.11
CA GLY F 101 10.39 -17.72 -5.67
C GLY F 101 8.98 -17.81 -5.11
N LYS G 15 22.32 3.57 36.27
CA LYS G 15 21.44 2.42 36.49
C LYS G 15 20.56 2.16 35.28
N THR G 16 19.76 3.16 34.92
CA THR G 16 18.87 3.02 33.78
C THR G 16 19.66 2.87 32.49
N ARG G 17 19.13 2.05 31.58
CA ARG G 17 19.81 1.81 30.30
C ARG G 17 19.74 3.04 29.40
N SER G 18 18.71 3.87 29.54
CA SER G 18 18.62 5.09 28.76
C SER G 18 19.76 6.05 29.11
N SER G 19 20.03 6.22 30.41
CA SER G 19 21.13 7.10 30.81
C SER G 19 22.48 6.46 30.54
N ARG G 20 22.55 5.13 30.56
CA ARG G 20 23.78 4.43 30.21
C ARG G 20 24.12 4.57 28.74
N ALA G 21 23.12 4.83 27.90
CA ALA G 21 23.32 5.05 26.47
C ALA G 21 23.25 6.53 26.10
N GLY G 22 22.95 7.40 27.04
CA GLY G 22 22.89 8.83 26.76
C GLY G 22 21.67 9.27 25.98
N LEU G 23 20.56 8.57 26.13
CA LEU G 23 19.32 8.91 25.45
C LEU G 23 18.28 9.39 26.45
N GLN G 24 17.15 9.86 25.91
CA GLN G 24 15.99 10.23 26.72
C GLN G 24 14.82 9.29 26.56
N PHE G 25 14.77 8.53 25.47
CA PHE G 25 13.72 7.54 25.28
C PHE G 25 14.03 6.29 26.10
N PRO G 26 12.99 5.54 26.51
CA PRO G 26 13.20 4.41 27.43
C PRO G 26 13.72 3.18 26.69
N VAL G 27 14.93 2.76 27.02
CA VAL G 27 15.46 1.52 26.46
C VAL G 27 14.72 0.32 27.02
N GLY G 28 14.40 0.35 28.32
CA GLY G 28 13.70 -0.77 28.94
C GLY G 28 12.30 -0.98 28.41
N ARG G 29 11.56 0.13 28.21
CA ARG G 29 10.21 0.02 27.66
C ARG G 29 10.24 -0.51 26.23
N VAL G 30 11.20 -0.04 25.42
CA VAL G 30 11.33 -0.53 24.05
C VAL G 30 11.71 -2.00 24.05
N HIS G 31 12.56 -2.42 24.98
CA HIS G 31 12.91 -3.83 25.11
C HIS G 31 11.68 -4.67 25.47
N ARG G 32 10.86 -4.18 26.39
CA ARG G 32 9.65 -4.90 26.76
C ARG G 32 8.67 -4.99 25.59
N LEU G 33 8.50 -3.90 24.85
CA LEU G 33 7.60 -3.90 23.71
C LEU G 33 8.11 -4.82 22.61
N LEU G 34 9.43 -4.89 22.43
CA LEU G 34 9.99 -5.84 21.48
C LEU G 34 9.75 -7.28 21.91
N ARG G 35 9.88 -7.55 23.22
CA ARG G 35 9.66 -8.91 23.71
C ARG G 35 8.21 -9.34 23.56
N LYS G 36 7.28 -8.53 24.07
CA LYS G 36 5.86 -8.85 23.94
C LYS G 36 5.38 -8.79 22.50
N GLY G 37 6.07 -8.02 21.66
CA GLY G 37 5.70 -7.78 20.28
C GLY G 37 5.41 -8.98 19.40
N ASN G 38 6.06 -10.12 19.70
CA ASN G 38 5.98 -11.37 18.94
C ASN G 38 6.80 -11.27 17.65
N TYR G 39 7.60 -10.21 17.54
CA TYR G 39 8.43 -10.01 16.35
C TYR G 39 9.39 -11.17 16.15
N ALA G 40 10.08 -11.61 17.21
CA ALA G 40 11.00 -12.72 17.09
C ALA G 40 11.08 -13.47 18.42
N GLU G 41 11.69 -14.67 18.36
CA GLU G 41 11.81 -15.51 19.55
C GLU G 41 12.73 -14.86 20.59
N ARG G 42 13.87 -14.35 20.15
CA ARG G 42 14.82 -13.67 21.02
C ARG G 42 15.04 -12.25 20.55
N VAL G 43 15.35 -11.37 21.50
CA VAL G 43 15.62 -9.96 21.21
C VAL G 43 17.00 -9.64 21.76
N GLY G 44 17.87 -9.10 20.91
CA GLY G 44 19.22 -8.78 21.32
C GLY G 44 19.29 -7.61 22.26
N ALA G 45 20.48 -7.41 22.84
CA ALA G 45 20.66 -6.36 23.84
C ALA G 45 20.75 -4.97 23.21
N GLY G 46 21.42 -4.86 22.06
CA GLY G 46 21.61 -3.57 21.42
C GLY G 46 20.46 -3.10 20.56
N ALA G 47 19.52 -3.98 20.23
CA ALA G 47 18.38 -3.58 19.41
C ALA G 47 17.49 -2.54 20.08
N PRO G 48 17.07 -2.68 21.35
CA PRO G 48 16.28 -1.60 21.96
C PRO G 48 17.04 -0.28 22.03
N VAL G 49 18.36 -0.32 22.28
CA VAL G 49 19.15 0.90 22.32
C VAL G 49 19.16 1.58 20.95
N TYR G 50 19.39 0.79 19.90
CA TYR G 50 19.44 1.33 18.54
C TYR G 50 18.09 1.92 18.15
N LEU G 51 17.01 1.19 18.43
CA LEU G 51 15.67 1.66 18.06
C LEU G 51 15.28 2.91 18.85
N ALA G 52 15.65 2.97 20.14
CA ALA G 52 15.38 4.16 20.93
C ALA G 52 16.15 5.35 20.40
N ALA G 53 17.41 5.15 20.00
CA ALA G 53 18.19 6.24 19.42
C ALA G 53 17.54 6.74 18.13
N VAL G 54 17.08 5.82 17.28
CA VAL G 54 16.44 6.22 16.02
C VAL G 54 15.16 6.99 16.29
N LEU G 55 14.34 6.51 17.24
CA LEU G 55 13.10 7.20 17.58
C LEU G 55 13.37 8.58 18.15
N GLU G 56 14.39 8.70 19.01
CA GLU G 56 14.77 9.99 19.56
C GLU G 56 15.22 10.96 18.48
N TYR G 57 16.02 10.48 17.52
CA TYR G 57 16.47 11.34 16.44
C TYR G 57 15.30 11.83 15.60
N LEU G 58 14.37 10.93 15.26
CA LEU G 58 13.22 11.34 14.45
C LEU G 58 12.34 12.33 15.19
N THR G 59 12.10 12.10 16.49
CA THR G 59 11.32 13.04 17.28
C THR G 59 12.00 14.39 17.37
N ALA G 60 13.33 14.39 17.53
CA ALA G 60 14.07 15.65 17.58
C ALA G 60 13.95 16.43 16.27
N GLU G 61 14.01 15.73 15.13
CA GLU G 61 13.86 16.43 13.85
C GLU G 61 12.46 17.01 13.68
N ILE G 62 11.43 16.22 14.03
CA ILE G 62 10.06 16.71 13.97
C ILE G 62 9.91 17.94 14.86
N LEU G 63 10.45 17.88 16.07
CA LEU G 63 10.28 18.98 17.02
C LEU G 63 11.07 20.21 16.60
N GLU G 64 12.24 20.05 15.98
CA GLU G 64 12.96 21.19 15.41
C GLU G 64 12.13 21.89 14.35
N LEU G 65 11.64 21.14 13.36
CA LEU G 65 10.90 21.77 12.27
C LEU G 65 9.59 22.38 12.78
N ALA G 66 8.92 21.70 13.72
CA ALA G 66 7.68 22.23 14.28
C ALA G 66 7.93 23.49 15.10
N GLY G 67 9.03 23.54 15.87
CA GLY G 67 9.34 24.74 16.61
C GLY G 67 9.64 25.93 15.71
N ASN G 68 10.39 25.69 14.63
CA ASN G 68 10.62 26.75 13.66
C ASN G 68 9.31 27.23 13.04
N ALA G 69 8.45 26.28 12.64
CA ALA G 69 7.16 26.65 12.05
C ALA G 69 6.30 27.43 13.03
N ALA G 70 6.33 27.05 14.31
CA ALA G 70 5.57 27.76 15.33
C ALA G 70 6.10 29.17 15.53
N ARG G 71 7.43 29.34 15.52
CA ARG G 71 8.00 30.66 15.71
C ARG G 71 7.75 31.57 14.52
N ASP G 72 7.69 31.00 13.31
CA ASP G 72 7.34 31.79 12.14
C ASP G 72 5.91 32.34 12.20
N ASN G 73 5.06 31.77 13.04
CA ASN G 73 3.69 32.24 13.19
C ASN G 73 3.49 33.06 14.45
N LYS G 74 4.58 33.52 15.07
CA LYS G 74 4.54 34.36 16.28
C LYS G 74 3.77 33.68 17.42
N LYS G 75 3.91 32.36 17.51
CA LYS G 75 3.34 31.59 18.61
C LYS G 75 4.46 30.89 19.37
N THR G 76 4.18 30.60 20.65
CA THR G 76 5.14 29.92 21.51
C THR G 76 4.69 28.52 21.87
N ARG G 77 3.66 28.00 21.20
CA ARG G 77 3.12 26.67 21.48
C ARG G 77 2.85 25.96 20.17
N ILE G 78 3.08 24.65 20.16
CA ILE G 78 2.94 23.84 18.96
C ILE G 78 1.51 23.32 18.87
N ILE G 79 0.89 23.53 17.72
CA ILE G 79 -0.45 22.99 17.44
C ILE G 79 -0.29 22.01 16.29
N PRO G 80 -1.29 21.16 15.99
CA PRO G 80 -1.14 20.24 14.86
C PRO G 80 -0.88 20.92 13.52
N ARG G 81 -1.32 22.17 13.37
CA ARG G 81 -1.05 22.90 12.13
C ARG G 81 0.45 23.07 11.91
N HIS G 82 1.18 23.40 12.98
CA HIS G 82 2.63 23.56 12.87
C HIS G 82 3.31 22.24 12.51
N LEU G 83 2.86 21.13 13.10
CA LEU G 83 3.39 19.83 12.75
C LEU G 83 3.14 19.50 11.29
N GLN G 84 1.92 19.78 10.82
CA GLN G 84 1.58 19.50 9.42
C GLN G 84 2.42 20.33 8.47
N LEU G 85 2.59 21.62 8.79
CA LEU G 85 3.42 22.49 7.97
C LEU G 85 4.87 22.03 7.94
N ALA G 86 5.40 21.64 9.10
CA ALA G 86 6.78 21.15 9.18
C ALA G 86 6.96 19.88 8.37
N ILE G 87 5.99 18.98 8.42
CA ILE G 87 6.11 17.72 7.68
C ILE G 87 6.02 17.97 6.18
N ARG G 88 5.08 18.81 5.73
CA ARG G 88 4.91 19.01 4.30
C ARG G 88 6.01 19.87 3.71
N ASN G 89 6.63 20.76 4.50
CA ASN G 89 7.64 21.65 3.98
C ASN G 89 9.04 21.02 3.98
N ASP G 90 9.18 19.81 4.49
CA ASP G 90 10.46 19.09 4.46
C ASP G 90 10.44 18.11 3.30
N GLU G 91 11.56 18.05 2.57
CA GLU G 91 11.67 17.15 1.42
C GLU G 91 11.45 15.70 1.81
N GLU G 92 12.16 15.22 2.84
CA GLU G 92 12.19 13.80 3.13
C GLU G 92 11.18 13.38 4.19
N LEU G 93 10.81 14.27 5.11
CA LEU G 93 9.76 13.93 6.06
C LEU G 93 8.41 13.79 5.36
N ASN G 94 8.21 14.52 4.27
CA ASN G 94 7.00 14.34 3.47
C ASN G 94 6.98 12.96 2.83
N LYS G 95 8.12 12.49 2.33
CA LYS G 95 8.18 11.15 1.74
C LYS G 95 7.98 10.08 2.82
N LEU G 96 8.52 10.30 4.01
CA LEU G 96 8.36 9.31 5.07
C LEU G 96 6.91 9.19 5.54
N LEU G 97 6.18 10.30 5.60
CA LEU G 97 4.80 10.31 6.07
C LEU G 97 3.85 10.80 4.99
N GLY G 98 4.04 10.30 3.76
CA GLY G 98 3.18 10.71 2.66
C GLY G 98 1.75 10.21 2.80
N LYS G 99 1.59 8.98 3.28
CA LYS G 99 0.28 8.36 3.40
C LYS G 99 -0.30 8.49 4.81
N VAL G 100 -0.02 9.60 5.48
CA VAL G 100 -0.45 9.84 6.85
C VAL G 100 -1.31 11.09 6.87
N THR G 101 -2.46 11.01 7.53
CA THR G 101 -3.34 12.15 7.73
C THR G 101 -3.22 12.65 9.16
N ILE G 102 -2.96 13.94 9.32
CA ILE G 102 -2.84 14.57 10.62
C ILE G 102 -4.15 15.25 10.96
N ALA G 103 -4.78 14.83 12.05
CA ALA G 103 -6.03 15.45 12.48
C ALA G 103 -5.77 16.91 12.87
N GLN G 104 -6.67 17.79 12.41
CA GLN G 104 -6.55 19.23 12.61
C GLN G 104 -5.24 19.77 12.05
N GLY G 105 -4.78 19.20 10.94
CA GLY G 105 -3.53 19.63 10.34
C GLY G 105 -3.71 20.61 9.20
N GLY G 106 -4.89 20.64 8.61
CA GLY G 106 -5.09 21.54 7.48
C GLY G 106 -4.36 21.05 6.24
N VAL G 107 -4.14 22.00 5.31
CA VAL G 107 -3.50 21.70 4.04
C VAL G 107 -2.46 22.79 3.77
N LEU G 108 -1.47 22.43 2.95
CA LEU G 108 -0.43 23.39 2.59
C LEU G 108 -0.98 24.44 1.65
N PRO G 109 -0.80 25.74 1.94
CA PRO G 109 -1.33 26.79 1.07
C PRO G 109 -0.61 26.80 -0.26
N ASN G 110 -1.33 26.50 -1.34
CA ASN G 110 -0.75 26.47 -2.67
C ASN G 110 -1.86 26.68 -3.70
N ILE G 111 -1.65 27.61 -4.62
CA ILE G 111 -2.60 27.92 -5.68
C ILE G 111 -1.89 27.79 -7.02
N GLN G 112 -2.49 27.06 -7.95
CA GLN G 112 -1.92 26.90 -9.28
C GLN G 112 -1.84 28.24 -9.99
N ALA G 113 -0.77 28.42 -10.78
CA ALA G 113 -0.53 29.70 -11.43
C ALA G 113 -1.58 30.00 -12.50
N VAL G 114 -2.20 28.98 -13.07
CA VAL G 114 -3.18 29.21 -14.14
C VAL G 114 -4.42 29.90 -13.61
N LEU G 115 -4.82 29.59 -12.37
CA LEU G 115 -6.02 30.21 -11.81
C LEU G 115 -5.78 31.67 -11.44
N LEU G 116 -4.53 32.05 -11.19
CA LEU G 116 -4.23 33.44 -10.87
C LEU G 116 -4.49 34.33 -12.09
N PRO G 117 -4.98 35.56 -11.88
CA PRO G 117 -5.30 36.46 -13.00
C PRO G 117 -4.04 37.02 -13.66
N LYS H 34 -2.77 4.61 31.32
CA LYS H 34 -2.04 3.86 30.30
C LYS H 34 -0.59 4.29 30.24
N GLU H 35 0.12 3.81 29.22
CA GLU H 35 1.52 4.14 28.99
C GLU H 35 1.63 4.91 27.67
N SER H 36 2.43 5.97 27.67
CA SER H 36 2.64 6.78 26.48
C SER H 36 4.08 7.26 26.47
N TYR H 37 4.39 8.11 25.49
CA TYR H 37 5.70 8.75 25.38
C TYR H 37 5.64 10.22 25.78
N SER H 38 4.67 10.59 26.62
CA SER H 38 4.48 11.99 26.97
C SER H 38 5.66 12.57 27.72
N VAL H 39 6.23 11.81 28.65
CA VAL H 39 7.37 12.30 29.41
C VAL H 39 8.59 12.42 28.52
N TYR H 40 8.78 11.46 27.62
CA TYR H 40 9.97 11.39 26.80
C TYR H 40 9.95 12.42 25.67
N VAL H 41 8.80 12.63 25.04
CA VAL H 41 8.70 13.61 23.97
C VAL H 41 8.93 15.02 24.51
N TYR H 42 8.37 15.32 25.68
CA TYR H 42 8.51 16.65 26.25
C TYR H 42 9.95 16.96 26.62
N LYS H 43 10.69 15.94 27.08
CA LYS H 43 12.11 16.13 27.37
C LYS H 43 12.90 16.47 26.12
N VAL H 44 12.59 15.79 25.00
CA VAL H 44 13.31 16.06 23.76
C VAL H 44 13.02 17.48 23.28
N LEU H 45 11.79 17.95 23.44
CA LEU H 45 11.44 19.30 23.03
C LEU H 45 12.20 20.35 23.82
N LYS H 46 12.33 20.13 25.13
CA LYS H 46 13.04 21.10 25.97
C LYS H 46 14.52 21.18 25.62
N GLN H 47 15.11 20.11 25.06
CA GLN H 47 16.48 20.20 24.58
C GLN H 47 16.55 20.94 23.24
N VAL H 48 15.55 20.75 22.39
CA VAL H 48 15.56 21.34 21.05
C VAL H 48 15.06 22.77 21.06
N HIS H 49 13.96 23.04 21.77
CA HIS H 49 13.40 24.39 21.91
C HIS H 49 13.10 24.62 23.38
N PRO H 50 14.03 25.22 24.13
CA PRO H 50 13.87 25.33 25.58
C PRO H 50 12.74 26.26 26.02
N ASP H 51 12.13 27.01 25.10
CA ASP H 51 11.03 27.91 25.43
C ASP H 51 9.70 27.53 24.81
N THR H 52 9.72 26.88 23.64
CA THR H 52 8.49 26.49 22.98
C THR H 52 7.81 25.34 23.73
N GLY H 53 6.48 25.40 23.83
CA GLY H 53 5.72 24.34 24.46
C GLY H 53 4.92 23.55 23.45
N ILE H 54 3.99 22.72 23.91
CA ILE H 54 3.21 21.86 23.02
C ILE H 54 1.82 21.68 23.60
N SER H 55 0.81 21.73 22.72
CA SER H 55 -0.57 21.56 23.14
C SER H 55 -0.91 20.07 23.27
N SER H 56 -2.04 19.80 23.93
CA SER H 56 -2.44 18.43 24.21
C SER H 56 -2.75 17.66 22.94
N LYS H 57 -3.46 18.28 21.99
CA LYS H 57 -3.82 17.59 20.76
C LYS H 57 -2.64 17.42 19.83
N ALA H 58 -1.72 18.39 19.79
CA ALA H 58 -0.52 18.24 18.99
C ALA H 58 0.39 17.14 19.52
N MET H 59 0.44 17.00 20.85
CA MET H 59 1.36 16.07 21.47
C MET H 59 0.87 14.63 21.41
N GLY H 60 -0.45 14.42 21.36
CA GLY H 60 -0.96 13.09 21.10
C GLY H 60 -0.62 12.61 19.71
N ILE H 61 -0.56 13.53 18.74
CA ILE H 61 -0.13 13.21 17.40
C ILE H 61 1.32 12.75 17.39
N MET H 62 2.14 13.34 18.25
CA MET H 62 3.52 12.88 18.40
C MET H 62 3.58 11.47 18.94
N ASN H 63 2.67 11.12 19.87
CA ASN H 63 2.62 9.76 20.37
C ASN H 63 2.27 8.76 19.29
N SER H 64 1.24 9.08 18.48
CA SER H 64 0.83 8.17 17.41
C SER H 64 1.93 8.04 16.36
N PHE H 65 2.72 9.09 16.15
CA PHE H 65 3.83 9.01 15.22
C PHE H 65 4.90 8.03 15.71
N VAL H 66 5.20 8.05 17.02
CA VAL H 66 6.27 7.22 17.56
C VAL H 66 5.91 5.74 17.45
N ASN H 67 4.67 5.37 17.81
CA ASN H 67 4.24 3.98 17.65
C ASN H 67 4.17 3.56 16.20
N ASP H 68 3.84 4.49 15.30
CA ASP H 68 3.80 4.17 13.87
C ASP H 68 5.20 3.80 13.37
N ILE H 69 6.20 4.62 13.70
CA ILE H 69 7.56 4.34 13.27
C ILE H 69 8.10 3.09 13.97
N PHE H 70 7.71 2.90 15.23
CA PHE H 70 8.15 1.73 15.99
C PHE H 70 7.72 0.44 15.31
N GLU H 71 6.46 0.37 14.88
CA GLU H 71 5.97 -0.84 14.23
C GLU H 71 6.54 -1.00 12.82
N ARG H 72 6.89 0.11 12.16
CA ARG H 72 7.53 0.00 10.84
C ARG H 72 8.89 -0.66 10.93
N ILE H 73 9.74 -0.19 11.85
CA ILE H 73 11.10 -0.73 11.95
C ILE H 73 11.07 -2.12 12.56
N ALA H 74 10.33 -2.30 13.66
CA ALA H 74 10.27 -3.60 14.31
C ALA H 74 9.59 -4.64 13.43
N GLY H 75 8.53 -4.24 12.71
CA GLY H 75 7.91 -5.15 11.77
C GLY H 75 8.82 -5.56 10.64
N GLU H 76 9.57 -4.60 10.09
CA GLU H 76 10.51 -4.91 9.02
C GLU H 76 11.68 -5.74 9.54
N ALA H 77 12.16 -5.45 10.74
CA ALA H 77 13.26 -6.23 11.32
C ALA H 77 12.82 -7.66 11.60
N SER H 78 11.57 -7.85 12.00
CA SER H 78 11.06 -9.20 12.25
C SER H 78 11.08 -10.04 10.97
N ARG H 79 10.80 -9.40 9.83
CA ARG H 79 10.87 -10.11 8.56
C ARG H 79 12.31 -10.45 8.18
N LEU H 80 13.27 -9.60 8.55
CA LEU H 80 14.66 -9.85 8.22
C LEU H 80 15.19 -11.10 8.92
N ALA H 81 14.79 -11.32 10.16
CA ALA H 81 15.21 -12.53 10.87
C ALA H 81 14.64 -13.78 10.22
N HIS H 82 13.36 -13.74 9.84
CA HIS H 82 12.74 -14.88 9.19
C HIS H 82 13.32 -15.12 7.80
N TYR H 83 13.63 -14.04 7.09
CA TYR H 83 14.21 -14.15 5.74
C TYR H 83 15.57 -14.85 5.77
N ASN H 84 16.34 -14.66 6.84
CA ASN H 84 17.66 -15.25 6.96
C ASN H 84 17.67 -16.47 7.87
N LYS H 85 16.49 -17.01 8.20
CA LYS H 85 16.31 -18.16 9.08
C LYS H 85 16.86 -17.90 10.48
N ARG H 86 17.00 -16.64 10.87
CA ARG H 86 17.42 -16.29 12.22
C ARG H 86 16.24 -16.29 13.18
N SER H 87 16.56 -16.33 14.47
CA SER H 87 15.57 -16.28 15.52
C SER H 87 15.75 -15.10 16.47
N THR H 88 16.79 -14.31 16.29
CA THR H 88 17.08 -13.18 17.15
C THR H 88 17.06 -11.89 16.36
N ILE H 89 16.57 -10.83 17.00
CA ILE H 89 16.67 -9.47 16.47
C ILE H 89 17.80 -8.77 17.20
N THR H 90 18.81 -8.34 16.45
CA THR H 90 19.98 -7.69 16.98
C THR H 90 20.09 -6.28 16.41
N SER H 91 21.20 -5.60 16.71
CA SER H 91 21.44 -4.27 16.17
C SER H 91 21.63 -4.30 14.65
N ARG H 92 22.04 -5.44 14.08
CA ARG H 92 22.23 -5.53 12.65
C ARG H 92 20.90 -5.55 11.89
N GLU H 93 19.83 -6.01 12.51
CA GLU H 93 18.52 -6.03 11.86
C GLU H 93 17.80 -4.70 12.02
N ILE H 94 17.96 -4.03 13.15
CA ILE H 94 17.41 -2.69 13.32
C ILE H 94 18.07 -1.72 12.37
N GLN H 95 19.39 -1.82 12.21
CA GLN H 95 20.11 -0.93 11.31
C GLN H 95 19.64 -1.08 9.87
N THR H 96 19.48 -2.32 9.42
CA THR H 96 19.04 -2.55 8.05
C THR H 96 17.61 -2.09 7.83
N ALA H 97 16.75 -2.28 8.85
CA ALA H 97 15.37 -1.81 8.74
C ALA H 97 15.30 -0.29 8.68
N VAL H 98 16.20 0.40 9.37
CA VAL H 98 16.25 1.86 9.29
C VAL H 98 16.60 2.31 7.89
N ARG H 99 17.59 1.65 7.25
CA ARG H 99 17.96 2.01 5.89
C ARG H 99 16.85 1.72 4.89
N LEU H 100 16.04 0.69 5.16
CA LEU H 100 14.98 0.32 4.22
C LEU H 100 13.81 1.29 4.28
N LEU H 101 13.45 1.77 5.47
CA LEU H 101 12.27 2.61 5.63
C LEU H 101 12.57 4.09 5.39
N LEU H 102 13.52 4.65 6.14
CA LEU H 102 13.77 6.08 6.05
C LEU H 102 14.47 6.43 4.73
N PRO H 103 14.17 7.62 4.18
CA PRO H 103 14.81 8.03 2.92
C PRO H 103 16.29 8.33 3.09
N GLY H 104 16.96 8.69 1.99
CA GLY H 104 18.41 8.76 1.91
C GLY H 104 19.14 9.54 2.97
N GLU H 105 18.99 10.86 3.00
CA GLU H 105 19.74 11.68 3.94
C GLU H 105 19.23 11.53 5.36
N LEU H 106 17.93 11.25 5.52
CA LEU H 106 17.37 11.05 6.86
C LEU H 106 17.92 9.77 7.50
N ALA H 107 18.07 8.71 6.71
CA ALA H 107 18.53 7.43 7.26
C ALA H 107 20.00 7.47 7.64
N LYS H 108 20.80 8.27 6.95
CA LYS H 108 22.23 8.31 7.21
C LYS H 108 22.54 8.83 8.61
N HIS H 109 21.80 9.84 9.07
CA HIS H 109 21.99 10.34 10.42
C HIS H 109 21.35 9.45 11.47
N ALA H 110 20.24 8.79 11.14
CA ALA H 110 19.61 7.86 12.07
C ALA H 110 20.52 6.69 12.37
N VAL H 111 21.22 6.19 11.35
CA VAL H 111 22.22 5.15 11.57
C VAL H 111 23.36 5.67 12.42
N SER H 112 23.81 6.89 12.15
CA SER H 112 24.90 7.48 12.93
C SER H 112 24.50 7.68 14.38
N GLU H 113 23.29 8.15 14.63
CA GLU H 113 22.80 8.29 16.00
C GLU H 113 22.62 6.93 16.66
N GLY H 114 22.10 5.95 15.92
CA GLY H 114 21.92 4.62 16.48
C GLY H 114 23.23 3.93 16.78
N THR H 115 24.21 4.05 15.89
CA THR H 115 25.51 3.43 16.11
C THR H 115 26.22 4.05 17.32
N LYS H 116 26.11 5.37 17.46
CA LYS H 116 26.75 6.08 18.57
C LYS H 116 26.24 5.60 19.92
N ALA H 117 24.92 5.42 20.03
CA ALA H 117 24.34 5.00 21.31
C ALA H 117 24.79 3.60 21.70
N VAL H 118 24.85 2.69 20.74
CA VAL H 118 25.22 1.30 21.03
C VAL H 118 26.65 1.21 21.53
N THR H 119 27.56 1.95 20.88
CA THR H 119 28.97 1.94 21.32
C THR H 119 29.12 2.50 22.73
N LYS H 120 28.43 3.60 23.03
CA LYS H 120 28.48 4.17 24.37
C LYS H 120 27.85 3.22 25.39
N TYR H 121 26.76 2.56 25.01
CA TYR H 121 26.11 1.61 25.91
C TYR H 121 27.04 0.44 26.24
N THR H 122 27.76 -0.07 25.25
CA THR H 122 28.68 -1.18 25.48
C THR H 122 29.85 -0.74 26.37
N SER H 123 30.39 0.44 26.13
CA SER H 123 31.52 0.92 26.92
C SER H 123 31.13 1.13 28.39
N SER H 124 29.95 1.69 28.63
CA SER H 124 29.49 1.96 29.99
C SER H 124 28.70 0.77 30.54
#